data_4RK9
#
_entry.id   4RK9
#
_cell.length_a   74.332
_cell.length_b   85.916
_cell.length_c   132.580
_cell.angle_alpha   90.00
_cell.angle_beta   90.00
_cell.angle_gamma   90.00
#
_symmetry.space_group_name_H-M   'P 21 21 21'
#
loop_
_entity.id
_entity.type
_entity.pdbx_description
1 polymer 'Carbohydrate ABC transporter substrate-binding protein MsmE'
2 branched alpha-D-galactopyranose-(1-6)-alpha-D-galactopyranose-(1-6)-[beta-D-fructofuranose-(2-1)]alpha-D-glucopyranose
3 water water
#
_entity_poly.entity_id   1
_entity_poly.type   'polypeptide(L)'
_entity_poly.pdbx_seq_one_letter_code
;SMAGCSGKNAGKSGDVTLTMFSTMTNDSEKNTLRSIADDFEKENEGIKIDISFPGPDYENMLRVKMAANDMPDLFDTHGW
AKIRYGEYTADLKDMDWVKHLDPNLDPILKDEKGKVYAYPFNQAKDGIVYNAGLLKKYGLKPPQTLDELMHALETIKEKS
NGSVIPFWFAGSDKGALAQFYDQLATPLLITDDRRNEKKALENGTFDWSDYTLLAETFKEMQEKQLINKDILTAKPSQLV
ELMAQEKIGFTLSVTSIGPDTREVNPDIQLGVMPTPAVYEGDKPSWIGGERHTVAVWKDSEHLEEAKRFIEFAAQPKYVK
KIAEATSFPQALTNTEAENYYSKFYDQYEEIKIEPYFDRVYLPSGMWDVMGTTGQELLAGTLTPKQVSEKMKQEYSRLQE
Q
;
_entity_poly.pdbx_strand_id   A,B
#
loop_
_chem_comp.id
_chem_comp.type
_chem_comp.name
_chem_comp.formula
FRU D-saccharide, beta linking beta-D-fructofuranose 'C6 H12 O6'
GLA D-saccharide, alpha linking alpha-D-galactopyranose 'C6 H12 O6'
GLC D-saccharide, alpha linking alpha-D-glucopyranose 'C6 H12 O6'
#
# COMPACT_ATOMS: atom_id res chain seq x y z
N VAL A 16 -3.46 -11.06 30.46
CA VAL A 16 -4.85 -11.01 29.86
C VAL A 16 -4.83 -10.51 28.41
N THR A 17 -5.51 -11.25 27.53
CA THR A 17 -5.60 -10.90 26.11
C THR A 17 -6.98 -10.31 25.78
N LEU A 18 -6.99 -9.10 25.23
CA LEU A 18 -8.22 -8.46 24.80
C LEU A 18 -8.44 -8.76 23.33
N THR A 19 -9.69 -9.06 22.98
CA THR A 19 -10.06 -9.26 21.59
C THR A 19 -10.60 -7.95 21.05
N MET A 20 -10.20 -7.61 19.82
CA MET A 20 -10.67 -6.38 19.18
C MET A 20 -11.04 -6.70 17.74
N PHE A 21 -12.20 -6.22 17.32
CA PHE A 21 -12.65 -6.38 15.96
C PHE A 21 -12.79 -5.02 15.34
N SER A 22 -12.44 -4.92 14.05
CA SER A 22 -12.46 -3.66 13.31
C SER A 22 -12.97 -3.91 11.89
N THR A 23 -13.73 -2.95 11.36
CA THR A 23 -14.15 -2.96 9.95
C THR A 23 -13.09 -2.41 9.00
N MET A 24 -11.90 -2.08 9.50
CA MET A 24 -10.86 -1.51 8.67
C MET A 24 -10.41 -2.54 7.63
N THR A 25 -10.36 -2.13 6.36
CA THR A 25 -9.87 -2.99 5.29
C THR A 25 -8.61 -2.48 4.57
N ASN A 26 -8.17 -1.27 4.90
CA ASN A 26 -6.98 -0.69 4.25
C ASN A 26 -5.71 -1.09 5.01
N ASP A 27 -4.70 -1.52 4.27
CA ASP A 27 -3.48 -2.06 4.87
C ASP A 27 -2.80 -1.00 5.74
N SER A 28 -2.72 0.21 5.20
CA SER A 28 -2.19 1.37 5.89
C SER A 28 -2.83 1.58 7.27
N GLU A 29 -4.14 1.70 7.29
CA GLU A 29 -4.88 1.99 8.52
C GLU A 29 -4.79 0.83 9.50
N LYS A 30 -4.85 -0.40 8.98
CA LYS A 30 -4.81 -1.57 9.82
C LYS A 30 -3.45 -1.66 10.51
N ASN A 31 -2.36 -1.47 9.76
CA ASN A 31 -1.02 -1.44 10.37
C ASN A 31 -0.85 -0.34 11.42
N THR A 32 -1.37 0.84 11.10
CA THR A 32 -1.34 1.98 12.02
C THR A 32 -2.04 1.61 13.32
N LEU A 33 -3.21 0.99 13.20
CA LEU A 33 -3.96 0.53 14.38
C LEU A 33 -3.14 -0.48 15.12
N ARG A 34 -2.52 -1.38 14.37
CA ARG A 34 -1.71 -2.42 14.96
C ARG A 34 -0.54 -1.86 15.78
N SER A 35 0.12 -0.83 15.25
CA SER A 35 1.27 -0.22 15.92
C SER A 35 0.87 0.62 17.14
N ILE A 36 -0.37 1.15 17.13
CA ILE A 36 -0.93 1.77 18.31
C ILE A 36 -1.20 0.69 19.36
N ALA A 37 -1.86 -0.39 18.94
CA ALA A 37 -2.04 -1.52 19.84
C ALA A 37 -0.71 -1.98 20.41
N ASP A 38 0.34 -2.00 19.60
CA ASP A 38 1.66 -2.45 20.07
C ASP A 38 2.29 -1.49 21.09
N ASP A 39 2.18 -0.20 20.83
CA ASP A 39 2.70 0.81 21.76
C ASP A 39 1.99 0.70 23.11
N PHE A 40 0.70 0.42 23.07
CA PHE A 40 -0.07 0.17 24.28
C PHE A 40 0.47 -1.04 25.02
N GLU A 41 0.55 -2.18 24.34
CA GLU A 41 1.10 -3.42 24.94
C GLU A 41 2.44 -3.22 25.65
N LYS A 42 3.32 -2.43 25.04
CA LYS A 42 4.66 -2.22 25.59
C LYS A 42 4.64 -1.26 26.79
N GLU A 43 3.58 -0.48 26.93
CA GLU A 43 3.38 0.35 28.11
C GLU A 43 2.49 -0.28 29.17
N ASN A 44 1.88 -1.41 28.85
CA ASN A 44 0.95 -2.09 29.76
C ASN A 44 1.28 -3.57 29.87
N GLU A 45 1.98 -3.94 30.94
CA GLU A 45 2.64 -5.25 31.04
C GLU A 45 1.71 -6.46 31.03
N GLY A 46 0.59 -6.38 31.74
CA GLY A 46 -0.33 -7.53 31.81
C GLY A 46 -1.10 -7.82 30.53
N ILE A 47 -1.11 -6.86 29.59
CA ILE A 47 -2.18 -6.79 28.58
C ILE A 47 -1.73 -6.91 27.12
N LYS A 48 -2.31 -7.89 26.43
CA LYS A 48 -2.07 -8.16 25.01
C LYS A 48 -3.34 -7.87 24.22
N ILE A 49 -3.22 -7.35 23.01
CA ILE A 49 -4.38 -7.08 22.18
C ILE A 49 -4.33 -7.84 20.86
N ASP A 50 -5.39 -8.60 20.56
CA ASP A 50 -5.51 -9.30 19.28
C ASP A 50 -6.59 -8.68 18.45
N ILE A 51 -6.27 -8.29 17.23
CA ILE A 51 -7.20 -7.55 16.39
C ILE A 51 -7.57 -8.38 15.15
N SER A 52 -8.86 -8.46 14.87
CA SER A 52 -9.32 -9.15 13.67
C SER A 52 -9.96 -8.12 12.75
N PHE A 53 -9.72 -8.25 11.45
CA PHE A 53 -10.23 -7.34 10.44
C PHE A 53 -10.95 -8.18 9.34
N PRO A 54 -12.15 -8.70 9.63
CA PRO A 54 -12.90 -9.57 8.67
C PRO A 54 -13.56 -8.86 7.48
N GLY A 55 -13.46 -7.54 7.42
CA GLY A 55 -13.85 -6.78 6.25
C GLY A 55 -15.25 -7.09 5.79
N PRO A 56 -15.40 -7.69 4.60
CA PRO A 56 -16.72 -7.87 4.06
C PRO A 56 -17.61 -8.79 4.87
N ASP A 57 -17.02 -9.64 5.72
CA ASP A 57 -17.79 -10.56 6.58
C ASP A 57 -18.05 -10.02 7.98
N TYR A 58 -17.59 -8.81 8.25
CA TYR A 58 -17.70 -8.25 9.57
C TYR A 58 -19.13 -8.29 10.13
N GLU A 59 -20.07 -7.68 9.40
CA GLU A 59 -21.40 -7.46 10.00
C GLU A 59 -22.06 -8.78 10.38
N ASN A 60 -21.96 -9.79 9.52
CA ASN A 60 -22.50 -11.12 9.84
C ASN A 60 -21.78 -11.80 11.00
N MET A 61 -20.47 -11.61 11.09
CA MET A 61 -19.75 -12.18 12.23
C MET A 61 -20.30 -11.56 13.52
N LEU A 62 -20.45 -10.25 13.55
CA LEU A 62 -20.99 -9.64 14.76
C LEU A 62 -22.44 -9.95 15.05
N ARG A 63 -23.29 -10.07 14.03
CA ARG A 63 -24.67 -10.59 14.28
C ARG A 63 -24.65 -11.97 14.96
N VAL A 64 -23.73 -12.84 14.53
CA VAL A 64 -23.63 -14.17 15.14
C VAL A 64 -23.14 -14.06 16.59
N LYS A 65 -22.16 -13.18 16.82
CA LYS A 65 -21.65 -12.95 18.18
C LYS A 65 -22.64 -12.30 19.14
N MET A 66 -23.43 -11.34 18.64
CA MET A 66 -24.55 -10.76 19.42
C MET A 66 -25.57 -11.86 19.76
N ALA A 67 -25.99 -12.62 18.76
CA ALA A 67 -26.97 -13.70 19.00
C ALA A 67 -26.48 -14.71 20.02
N ALA A 68 -25.17 -14.98 20.03
CA ALA A 68 -24.58 -15.92 20.99
C ALA A 68 -24.24 -15.20 22.28
N ASN A 69 -24.34 -13.86 22.25
CA ASN A 69 -23.88 -13.02 23.34
C ASN A 69 -22.42 -13.33 23.76
N ASP A 70 -21.54 -13.48 22.78
CA ASP A 70 -20.11 -13.77 23.03
C ASP A 70 -19.29 -12.79 22.22
N MET A 71 -19.20 -11.57 22.73
CA MET A 71 -18.66 -10.45 21.97
C MET A 71 -17.17 -10.24 22.18
N PRO A 72 -16.49 -9.71 21.16
CA PRO A 72 -15.12 -9.25 21.41
C PRO A 72 -15.11 -8.16 22.48
N ASP A 73 -13.99 -7.99 23.18
CA ASP A 73 -13.86 -6.98 24.24
C ASP A 73 -14.00 -5.54 23.69
N LEU A 74 -13.52 -5.37 22.47
CA LEU A 74 -13.54 -4.12 21.78
C LEU A 74 -14.11 -4.41 20.40
N PHE A 75 -15.02 -3.58 19.93
CA PHE A 75 -15.55 -3.85 18.62
C PHE A 75 -16.07 -2.60 17.94
N ASP A 76 -15.93 -2.63 16.63
CA ASP A 76 -16.33 -1.54 15.78
C ASP A 76 -17.83 -1.59 15.64
N THR A 77 -18.46 -0.43 15.71
CA THR A 77 -19.91 -0.34 15.55
C THR A 77 -20.35 0.18 14.20
N HIS A 78 -19.42 0.79 13.46
CA HIS A 78 -19.51 1.10 12.03
C HIS A 78 -20.86 1.66 11.57
N GLY A 79 -21.40 2.58 12.36
CA GLY A 79 -22.59 3.32 11.99
C GLY A 79 -23.81 2.91 12.77
N TRP A 80 -23.68 1.90 13.64
CA TRP A 80 -24.83 1.32 14.35
C TRP A 80 -24.68 1.18 15.87
N ALA A 81 -23.89 2.07 16.48
CA ALA A 81 -23.55 1.96 17.93
C ALA A 81 -24.77 1.89 18.84
N LYS A 82 -25.75 2.69 18.52
CA LYS A 82 -26.94 2.78 19.29
C LYS A 82 -27.96 1.79 18.78
N ILE A 83 -28.27 1.83 17.48
CA ILE A 83 -29.43 1.11 16.96
C ILE A 83 -29.23 -0.40 16.89
N ARG A 84 -28.02 -0.86 16.63
CA ARG A 84 -27.80 -2.29 16.57
C ARG A 84 -27.06 -2.76 17.82
N TYR A 85 -25.98 -2.07 18.19
CA TYR A 85 -25.11 -2.55 19.25
C TYR A 85 -25.41 -2.03 20.64
N GLY A 86 -26.43 -1.20 20.77
CA GLY A 86 -26.60 -0.41 21.99
C GLY A 86 -26.59 -1.21 23.28
N GLU A 87 -27.36 -2.29 23.29
CA GLU A 87 -27.44 -3.16 24.47
C GLU A 87 -26.16 -3.90 24.82
N TYR A 88 -25.20 -3.93 23.90
CA TYR A 88 -23.97 -4.66 24.09
C TYR A 88 -22.81 -3.77 24.51
N THR A 89 -23.01 -2.45 24.47
CA THR A 89 -21.92 -1.49 24.72
C THR A 89 -21.83 -1.05 26.18
N ALA A 90 -20.60 -0.89 26.66
CA ALA A 90 -20.39 -0.26 27.95
C ALA A 90 -20.52 1.26 27.79
N ASP A 91 -21.00 1.92 28.83
CA ASP A 91 -21.13 3.38 28.87
C ASP A 91 -19.77 4.04 29.08
N LEU A 92 -19.38 4.91 28.15
CA LEU A 92 -18.05 5.53 28.17
C LEU A 92 -18.09 6.98 28.60
N LYS A 93 -19.21 7.40 29.15
CA LYS A 93 -19.45 8.83 29.38
C LYS A 93 -18.48 9.48 30.36
N ASP A 94 -17.88 8.69 31.25
CA ASP A 94 -16.95 9.27 32.21
C ASP A 94 -15.51 9.36 31.71
N MET A 95 -15.24 8.87 30.50
CA MET A 95 -13.87 8.94 29.97
C MET A 95 -13.50 10.39 29.58
N ASP A 96 -12.23 10.70 29.66
CA ASP A 96 -11.70 12.03 29.41
C ASP A 96 -11.90 12.54 28.00
N TRP A 97 -11.78 11.65 27.03
CA TRP A 97 -11.89 12.05 25.63
C TRP A 97 -13.26 12.64 25.25
N VAL A 98 -14.29 12.31 26.02
CA VAL A 98 -15.66 12.64 25.64
C VAL A 98 -15.89 14.15 25.42
N LYS A 99 -15.32 14.98 26.27
CA LYS A 99 -15.45 16.43 26.11
C LYS A 99 -14.87 16.95 24.80
N HIS A 100 -14.02 16.16 24.13
CA HIS A 100 -13.47 16.56 22.83
C HIS A 100 -14.22 16.02 21.62
N LEU A 101 -15.37 15.39 21.82
CA LEU A 101 -16.12 14.86 20.68
C LEU A 101 -16.71 15.99 19.89
N ASP A 102 -16.53 15.89 18.57
CA ASP A 102 -17.13 16.82 17.65
C ASP A 102 -18.65 16.78 17.89
N PRO A 103 -19.25 17.94 18.23
CA PRO A 103 -20.67 17.98 18.53
C PRO A 103 -21.57 17.36 17.48
N ASN A 104 -21.15 17.34 16.22
CA ASN A 104 -21.98 16.77 15.17
C ASN A 104 -22.31 15.32 15.43
N LEU A 105 -21.48 14.65 16.23
CA LEU A 105 -21.67 13.26 16.55
C LEU A 105 -22.40 13.01 17.86
N ASP A 106 -22.74 14.07 18.58
CA ASP A 106 -23.39 13.94 19.89
C ASP A 106 -24.68 13.12 19.81
N PRO A 107 -25.54 13.41 18.82
CA PRO A 107 -26.80 12.63 18.76
C PRO A 107 -26.61 11.19 18.29
N ILE A 108 -25.45 10.91 17.72
CA ILE A 108 -25.15 9.62 17.14
C ILE A 108 -24.52 8.68 18.16
N LEU A 109 -23.67 9.21 19.02
CA LEU A 109 -22.95 8.40 20.00
C LEU A 109 -23.42 8.56 21.44
N LYS A 110 -24.40 9.45 21.68
CA LYS A 110 -24.97 9.65 22.99
C LYS A 110 -26.47 9.52 22.96
N ASP A 111 -27.04 9.19 24.13
CA ASP A 111 -28.50 9.15 24.24
C ASP A 111 -28.94 10.13 25.31
N GLU A 112 -30.24 10.18 25.56
CA GLU A 112 -30.84 11.12 26.49
C GLU A 112 -30.47 10.80 27.93
N LYS A 113 -30.05 9.57 28.19
CA LYS A 113 -29.56 9.23 29.51
C LYS A 113 -28.15 9.77 29.79
N GLY A 114 -27.44 10.23 28.77
CA GLY A 114 -26.04 10.65 28.94
C GLY A 114 -25.04 9.59 28.52
N LYS A 115 -25.51 8.43 28.10
CA LYS A 115 -24.62 7.33 27.75
C LYS A 115 -23.83 7.64 26.47
N VAL A 116 -22.55 7.26 26.51
CA VAL A 116 -21.66 7.33 25.36
C VAL A 116 -21.33 5.92 24.91
N TYR A 117 -21.70 5.62 23.66
CA TYR A 117 -21.80 4.23 23.20
C TYR A 117 -20.53 3.68 22.58
N ALA A 118 -19.71 4.55 22.00
CA ALA A 118 -18.46 4.14 21.40
C ALA A 118 -17.52 5.30 21.20
N TYR A 119 -16.24 4.97 20.97
CA TYR A 119 -15.21 5.94 20.67
C TYR A 119 -14.96 5.93 19.16
N PRO A 120 -15.00 7.09 18.49
CA PRO A 120 -14.73 7.20 17.05
C PRO A 120 -13.28 7.51 16.72
N PHE A 121 -12.69 6.70 15.83
CA PHE A 121 -11.34 6.92 15.33
C PHE A 121 -11.33 8.03 14.30
N ASN A 122 -12.49 8.28 13.72
CA ASN A 122 -12.60 9.25 12.67
C ASN A 122 -14.10 9.48 12.47
N GLN A 123 -14.50 10.21 11.45
CA GLN A 123 -15.91 10.26 11.09
C GLN A 123 -16.09 10.30 9.59
N ALA A 124 -17.30 10.00 9.15
CA ALA A 124 -17.58 9.99 7.73
C ALA A 124 -17.87 11.42 7.26
N LYS A 125 -17.40 11.75 6.08
CA LYS A 125 -17.83 12.92 5.33
C LYS A 125 -17.78 12.53 3.86
N ASP A 126 -18.76 11.77 3.41
CA ASP A 126 -18.62 11.04 2.16
C ASP A 126 -19.29 11.66 0.95
N GLY A 127 -18.52 11.80 -0.12
CA GLY A 127 -19.02 12.22 -1.41
C GLY A 127 -18.38 11.39 -2.51
N ILE A 128 -17.74 12.07 -3.44
CA ILE A 128 -17.04 11.42 -4.54
C ILE A 128 -15.63 11.98 -4.72
N VAL A 129 -14.68 11.11 -5.02
CA VAL A 129 -13.28 11.50 -5.25
C VAL A 129 -13.01 11.43 -6.73
N TYR A 130 -12.22 12.37 -7.22
CA TYR A 130 -11.93 12.40 -8.64
C TYR A 130 -10.51 12.85 -8.88
N ASN A 131 -10.07 12.59 -10.11
CA ASN A 131 -8.81 13.08 -10.59
C ASN A 131 -8.97 14.54 -11.04
N ALA A 132 -8.56 15.47 -10.18
CA ALA A 132 -8.72 16.91 -10.45
C ALA A 132 -7.99 17.38 -11.69
N GLY A 133 -6.79 16.85 -11.92
CA GLY A 133 -6.00 17.22 -13.09
C GLY A 133 -6.64 16.75 -14.38
N LEU A 134 -7.35 15.62 -14.31
CA LEU A 134 -8.02 15.07 -15.49
C LEU A 134 -9.27 15.87 -15.83
N LEU A 135 -10.04 16.22 -14.80
CA LEU A 135 -11.22 17.06 -15.00
C LEU A 135 -10.86 18.41 -15.60
N LYS A 136 -9.78 19.01 -15.10
CA LYS A 136 -9.28 20.27 -15.65
C LYS A 136 -8.89 20.11 -17.13
N LYS A 137 -8.29 18.97 -17.46
CA LYS A 137 -7.92 18.68 -18.84
C LYS A 137 -9.11 18.60 -19.79
N TYR A 138 -10.27 18.20 -19.28
CA TYR A 138 -11.47 18.12 -20.12
C TYR A 138 -12.47 19.25 -19.90
N GLY A 139 -12.00 20.35 -19.32
CA GLY A 139 -12.85 21.50 -19.03
C GLY A 139 -14.10 21.16 -18.25
N LEU A 140 -13.95 20.32 -17.22
CA LEU A 140 -15.09 19.87 -16.42
C LEU A 140 -14.98 20.38 -14.99
N LYS A 141 -16.03 21.05 -14.52
CA LYS A 141 -16.16 21.37 -13.10
C LYS A 141 -16.66 20.13 -12.36
N PRO A 142 -16.51 20.09 -11.03
CA PRO A 142 -17.04 18.93 -10.30
C PRO A 142 -18.57 18.92 -10.33
N PRO A 143 -19.19 17.81 -10.81
CA PRO A 143 -20.65 17.70 -10.88
C PRO A 143 -21.36 17.99 -9.56
N GLN A 144 -22.45 18.75 -9.60
CA GLN A 144 -23.28 18.96 -8.42
C GLN A 144 -24.64 18.30 -8.54
N THR A 145 -24.90 17.69 -9.70
CA THR A 145 -26.11 16.88 -9.86
C THR A 145 -25.77 15.57 -10.52
N LEU A 146 -26.66 14.60 -10.33
CA LEU A 146 -26.53 13.30 -10.95
C LEU A 146 -26.36 13.47 -12.46
N ASP A 147 -27.30 14.19 -13.06
CA ASP A 147 -27.25 14.48 -14.48
C ASP A 147 -25.95 15.15 -14.96
N GLU A 148 -25.38 16.01 -14.13
CA GLU A 148 -24.10 16.64 -14.50
C GLU A 148 -22.98 15.60 -14.41
N LEU A 149 -23.09 14.71 -13.42
CA LEU A 149 -22.16 13.59 -13.30
C LEU A 149 -22.23 12.70 -14.53
N MET A 150 -23.43 12.34 -14.98
CA MET A 150 -23.58 11.47 -16.14
C MET A 150 -22.93 12.08 -17.38
N HIS A 151 -23.07 13.40 -17.51
CA HIS A 151 -22.43 14.15 -18.60
C HIS A 151 -20.92 14.23 -18.42
N ALA A 152 -20.46 14.41 -17.19
CA ALA A 152 -19.03 14.38 -16.93
C ALA A 152 -18.46 13.02 -17.31
N LEU A 153 -19.20 11.95 -17.02
CA LEU A 153 -18.75 10.60 -17.37
C LEU A 153 -18.66 10.44 -18.88
N GLU A 154 -19.64 10.97 -19.60
CA GLU A 154 -19.67 10.83 -21.06
C GLU A 154 -18.49 11.58 -21.70
N THR A 155 -18.24 12.81 -21.25
CA THR A 155 -17.11 13.65 -21.71
C THR A 155 -15.79 12.93 -21.48
N ILE A 156 -15.58 12.45 -20.25
CA ILE A 156 -14.38 11.71 -19.91
C ILE A 156 -14.15 10.56 -20.91
N LYS A 157 -15.20 9.77 -21.15
CA LYS A 157 -15.10 8.62 -22.02
C LYS A 157 -14.66 9.01 -23.44
N GLU A 158 -15.44 9.89 -24.07
CA GLU A 158 -15.16 10.29 -25.46
C GLU A 158 -13.94 11.20 -25.58
N LYS A 159 -13.74 12.09 -24.62
CA LYS A 159 -12.59 12.98 -24.63
C LYS A 159 -11.24 12.29 -24.47
N SER A 160 -11.19 11.26 -23.64
CA SER A 160 -9.96 10.49 -23.49
C SER A 160 -9.96 9.33 -24.48
N ASN A 161 -11.01 9.25 -25.28
CA ASN A 161 -11.16 8.16 -26.24
C ASN A 161 -11.06 6.77 -25.63
N GLY A 162 -11.64 6.59 -24.45
CA GLY A 162 -11.75 5.28 -23.84
C GLY A 162 -10.52 4.81 -23.09
N SER A 163 -9.51 5.67 -23.03
CA SER A 163 -8.29 5.36 -22.28
C SER A 163 -8.56 5.23 -20.78
N VAL A 164 -9.47 6.07 -20.28
CA VAL A 164 -9.73 6.14 -18.84
C VAL A 164 -11.10 5.57 -18.52
N ILE A 165 -11.22 4.98 -17.34
CA ILE A 165 -12.51 4.53 -16.83
C ILE A 165 -13.11 5.75 -16.12
N PRO A 166 -14.29 6.22 -16.57
CA PRO A 166 -14.86 7.41 -15.94
C PRO A 166 -15.26 7.24 -14.45
N PHE A 167 -15.87 6.10 -14.09
CA PHE A 167 -16.29 5.84 -12.71
C PHE A 167 -15.97 4.38 -12.36
N TRP A 168 -15.22 4.18 -11.28
CA TRP A 168 -14.66 2.85 -10.97
C TRP A 168 -15.26 2.26 -9.70
N PHE A 169 -15.66 1.00 -9.78
CA PHE A 169 -16.22 0.28 -8.64
C PHE A 169 -15.57 -1.09 -8.47
N ALA A 170 -15.17 -1.42 -7.24
CA ALA A 170 -14.67 -2.77 -6.90
C ALA A 170 -15.84 -3.72 -6.71
N GLY A 171 -16.54 -4.04 -7.79
CA GLY A 171 -17.83 -4.71 -7.67
C GLY A 171 -17.85 -6.16 -7.26
N SER A 172 -16.69 -6.79 -7.06
CA SER A 172 -16.66 -8.12 -6.42
C SER A 172 -16.98 -7.99 -4.94
N ASP A 173 -16.86 -6.77 -4.42
CA ASP A 173 -17.23 -6.47 -3.04
C ASP A 173 -18.63 -5.83 -3.06
N LYS A 174 -19.61 -6.51 -2.46
CA LYS A 174 -20.99 -6.01 -2.35
C LYS A 174 -21.11 -4.59 -1.80
N GLY A 175 -20.34 -4.30 -0.77
CA GLY A 175 -20.39 -3.00 -0.11
C GLY A 175 -19.98 -1.89 -1.05
N ALA A 176 -19.04 -2.18 -1.94
CA ALA A 176 -18.59 -1.20 -2.89
C ALA A 176 -19.71 -0.78 -3.85
N LEU A 177 -20.69 -1.65 -4.09
CA LEU A 177 -21.85 -1.29 -4.93
C LEU A 177 -23.00 -0.71 -4.11
N ALA A 178 -23.33 -1.36 -2.98
CA ALA A 178 -24.31 -0.82 -2.01
C ALA A 178 -24.02 0.65 -1.70
N GLN A 179 -22.74 0.99 -1.62
CA GLN A 179 -22.30 2.35 -1.30
C GLN A 179 -22.88 3.40 -2.24
N PHE A 180 -22.91 3.06 -3.53
CA PHE A 180 -23.47 3.93 -4.57
C PHE A 180 -24.95 4.25 -4.28
N TYR A 181 -25.74 3.19 -4.12
CA TYR A 181 -27.16 3.29 -3.82
C TYR A 181 -27.45 4.03 -2.54
N ASP A 182 -26.63 3.77 -1.54
CA ASP A 182 -26.88 4.27 -0.20
C ASP A 182 -26.67 5.78 -0.20
N GLN A 183 -25.58 6.22 -0.81
CA GLN A 183 -25.30 7.66 -0.89
C GLN A 183 -26.37 8.39 -1.68
N LEU A 184 -26.76 7.84 -2.83
CA LEU A 184 -27.67 8.56 -3.73
C LEU A 184 -29.11 8.51 -3.26
N ALA A 185 -29.45 7.54 -2.42
CA ALA A 185 -30.75 7.49 -1.78
C ALA A 185 -31.06 8.77 -1.00
N THR A 186 -30.03 9.41 -0.46
CA THR A 186 -30.25 10.63 0.31
C THR A 186 -30.85 11.75 -0.55
N PRO A 187 -30.13 12.23 -1.58
CA PRO A 187 -30.77 13.22 -2.45
C PRO A 187 -32.04 12.73 -3.17
N LEU A 188 -32.14 11.43 -3.40
CA LEU A 188 -33.31 10.85 -4.05
C LEU A 188 -34.58 10.92 -3.17
N LEU A 189 -34.45 10.47 -1.93
CA LEU A 189 -35.61 10.16 -1.08
C LEU A 189 -35.80 11.07 0.15
N ILE A 190 -34.78 11.85 0.51
CA ILE A 190 -34.73 12.54 1.79
C ILE A 190 -34.68 14.05 1.61
N THR A 191 -33.65 14.58 0.95
CA THR A 191 -33.30 16.01 1.11
C THR A 191 -34.13 17.01 0.30
N ASP A 192 -34.66 16.60 -0.86
CA ASP A 192 -35.49 17.53 -1.64
C ASP A 192 -36.85 17.63 -0.95
N ASP A 193 -37.13 18.77 -0.33
CA ASP A 193 -38.37 18.94 0.45
C ASP A 193 -39.64 19.02 -0.42
N ARG A 194 -39.45 19.13 -1.73
CA ARG A 194 -40.55 19.01 -2.69
C ARG A 194 -40.76 17.56 -3.17
N ARG A 195 -39.67 16.81 -3.32
CA ARG A 195 -39.73 15.40 -3.74
C ARG A 195 -38.90 14.55 -2.79
N ASN A 196 -39.56 14.00 -1.78
CA ASN A 196 -38.91 13.04 -0.87
C ASN A 196 -39.95 12.06 -0.37
N GLU A 197 -39.51 11.05 0.39
CA GLU A 197 -40.40 10.00 0.84
C GLU A 197 -40.27 9.76 2.33
N LYS A 198 -40.00 10.80 3.09
CA LYS A 198 -39.79 10.63 4.53
C LYS A 198 -41.01 10.06 5.23
N LYS A 199 -42.18 10.58 4.92
CA LYS A 199 -43.41 10.06 5.53
C LYS A 199 -43.55 8.54 5.35
N ALA A 200 -43.53 8.05 4.11
CA ALA A 200 -43.66 6.60 3.88
C ALA A 200 -42.51 5.82 4.54
N LEU A 201 -41.30 6.38 4.54
CA LEU A 201 -40.20 5.74 5.24
C LEU A 201 -40.44 5.65 6.74
N GLU A 202 -41.04 6.68 7.31
CA GLU A 202 -41.30 6.69 8.75
C GLU A 202 -42.57 5.91 9.14
N ASN A 203 -43.50 5.78 8.21
CA ASN A 203 -44.63 4.86 8.29
C ASN A 203 -44.18 3.41 8.28
N GLY A 204 -43.15 3.12 7.50
CA GLY A 204 -42.77 1.75 7.22
C GLY A 204 -43.47 1.21 5.99
N THR A 205 -44.14 2.09 5.25
CA THR A 205 -44.86 1.69 4.04
C THR A 205 -44.16 1.99 2.71
N PHE A 206 -42.89 2.40 2.74
CA PHE A 206 -42.25 2.85 1.52
C PHE A 206 -42.33 1.75 0.49
N ASP A 207 -42.73 2.09 -0.74
CA ASP A 207 -42.87 1.06 -1.79
C ASP A 207 -41.68 0.82 -2.72
N TRP A 208 -40.71 1.71 -2.74
CA TRP A 208 -39.47 1.50 -3.49
C TRP A 208 -39.49 1.81 -4.98
N SER A 209 -40.57 2.38 -5.47
CA SER A 209 -40.67 2.72 -6.88
C SER A 209 -39.64 3.76 -7.28
N ASP A 210 -39.37 4.71 -6.39
CA ASP A 210 -38.39 5.75 -6.66
C ASP A 210 -37.01 5.18 -6.87
N TYR A 211 -36.71 4.10 -6.15
CA TYR A 211 -35.39 3.50 -6.09
C TYR A 211 -34.94 3.02 -7.47
N THR A 212 -35.91 2.78 -8.35
CA THR A 212 -35.65 2.27 -9.66
C THR A 212 -34.71 3.18 -10.42
N LEU A 213 -34.90 4.49 -10.27
CA LEU A 213 -34.03 5.48 -10.92
C LEU A 213 -32.55 5.20 -10.69
N LEU A 214 -32.22 4.73 -9.50
CA LEU A 214 -30.83 4.47 -9.14
C LEU A 214 -30.28 3.25 -9.87
N ALA A 215 -31.06 2.17 -9.86
CA ALA A 215 -30.69 0.95 -10.56
C ALA A 215 -30.59 1.21 -12.07
N GLU A 216 -31.58 1.91 -12.64
CA GLU A 216 -31.53 2.35 -14.05
C GLU A 216 -30.28 3.16 -14.36
N THR A 217 -29.87 4.02 -13.42
CA THR A 217 -28.71 4.88 -13.64
C THR A 217 -27.44 4.04 -13.74
N PHE A 218 -27.29 3.10 -12.82
CA PHE A 218 -26.18 2.15 -12.87
C PHE A 218 -26.19 1.29 -14.14
N LYS A 219 -27.37 0.82 -14.53
CA LYS A 219 -27.49 0.04 -15.78
C LYS A 219 -27.02 0.81 -17.02
N GLU A 220 -27.41 2.08 -17.13
CA GLU A 220 -26.94 2.97 -18.22
C GLU A 220 -25.43 3.25 -18.12
N MET A 221 -24.91 3.36 -16.91
CA MET A 221 -23.48 3.49 -16.71
C MET A 221 -22.72 2.29 -17.30
N GLN A 222 -23.22 1.07 -17.12
CA GLN A 222 -22.55 -0.06 -17.75
C GLN A 222 -22.88 -0.17 -19.24
N GLU A 223 -24.09 0.20 -19.61
CA GLU A 223 -24.52 0.24 -21.03
C GLU A 223 -23.62 1.15 -21.86
N LYS A 224 -23.35 2.35 -21.35
CA LYS A 224 -22.49 3.32 -22.03
C LYS A 224 -21.01 3.23 -21.61
N GLN A 225 -20.60 2.12 -21.00
CA GLN A 225 -19.19 1.92 -20.64
C GLN A 225 -18.64 3.12 -19.85
N LEU A 226 -19.41 3.61 -18.89
CA LEU A 226 -18.96 4.71 -18.04
C LEU A 226 -18.29 4.17 -16.77
N ILE A 227 -18.26 2.85 -16.63
CA ILE A 227 -17.63 2.16 -15.51
C ILE A 227 -16.67 1.10 -16.04
N ASN A 228 -15.86 0.53 -15.15
CA ASN A 228 -14.96 -0.59 -15.49
C ASN A 228 -15.72 -1.87 -15.90
N LYS A 229 -15.31 -2.47 -17.01
CA LYS A 229 -15.90 -3.71 -17.50
C LYS A 229 -15.67 -4.89 -16.55
N ASP A 230 -14.54 -4.86 -15.86
CA ASP A 230 -14.22 -5.90 -14.89
C ASP A 230 -14.88 -5.62 -13.52
N ILE A 231 -15.82 -4.67 -13.48
CA ILE A 231 -16.49 -4.30 -12.23
C ILE A 231 -16.90 -5.48 -11.34
N LEU A 232 -17.52 -6.50 -11.91
CA LEU A 232 -17.95 -7.67 -11.12
C LEU A 232 -16.82 -8.49 -10.54
N THR A 233 -15.66 -8.48 -11.19
CA THR A 233 -14.44 -9.11 -10.66
C THR A 233 -13.49 -8.15 -9.93
N ALA A 234 -13.65 -6.84 -10.14
CA ALA A 234 -12.72 -5.86 -9.58
C ALA A 234 -12.73 -5.91 -8.07
N LYS A 235 -11.54 -5.77 -7.49
CA LYS A 235 -11.35 -5.88 -6.06
C LYS A 235 -10.79 -4.57 -5.56
N PRO A 236 -11.05 -4.24 -4.29
CA PRO A 236 -10.52 -2.98 -3.75
C PRO A 236 -9.00 -2.79 -3.90
N SER A 237 -8.24 -3.89 -3.88
CA SER A 237 -6.78 -3.88 -4.13
C SER A 237 -6.34 -3.07 -5.35
N GLN A 238 -7.13 -3.14 -6.40
CA GLN A 238 -6.66 -2.72 -7.71
C GLN A 238 -6.81 -1.22 -7.93
N LEU A 239 -7.53 -0.54 -7.06
CA LEU A 239 -7.92 0.83 -7.33
C LEU A 239 -6.72 1.77 -7.33
N VAL A 240 -5.99 1.78 -6.23
CA VAL A 240 -4.80 2.64 -6.08
C VAL A 240 -3.91 2.64 -7.30
N GLU A 241 -3.69 1.46 -7.88
CA GLU A 241 -2.80 1.32 -9.04
C GLU A 241 -3.30 2.20 -10.19
N LEU A 242 -4.58 2.08 -10.47
CA LEU A 242 -5.21 2.73 -11.62
C LEU A 242 -5.38 4.24 -11.42
N MET A 243 -5.82 4.64 -10.23
CA MET A 243 -5.84 6.05 -9.89
C MET A 243 -4.44 6.62 -10.07
N ALA A 244 -3.45 5.93 -9.51
CA ALA A 244 -2.05 6.36 -9.54
C ALA A 244 -1.48 6.52 -10.94
N GLN A 245 -2.07 5.83 -11.93
CA GLN A 245 -1.61 6.02 -13.30
C GLN A 245 -2.65 6.71 -14.18
N GLU A 246 -3.54 7.48 -13.55
CA GLU A 246 -4.43 8.40 -14.26
C GLU A 246 -5.39 7.68 -15.22
N LYS A 247 -5.83 6.48 -14.86
CA LYS A 247 -6.81 5.75 -15.68
C LYS A 247 -8.21 5.80 -15.05
N ILE A 248 -8.41 6.63 -14.04
CA ILE A 248 -9.72 6.73 -13.39
C ILE A 248 -10.14 8.19 -13.15
N GLY A 249 -11.38 8.49 -13.57
CA GLY A 249 -11.97 9.81 -13.36
C GLY A 249 -12.51 9.96 -11.95
N PHE A 250 -13.43 9.07 -11.56
CA PHE A 250 -14.19 9.18 -10.30
C PHE A 250 -14.22 7.88 -9.50
N THR A 251 -14.22 8.01 -8.16
CA THR A 251 -14.55 6.87 -7.29
C THR A 251 -15.28 7.42 -6.09
N LEU A 252 -16.04 6.56 -5.44
CA LEU A 252 -16.71 6.96 -4.20
C LEU A 252 -15.66 7.28 -3.14
N SER A 253 -15.83 8.40 -2.44
CA SER A 253 -14.75 8.92 -1.60
C SER A 253 -14.37 7.91 -0.51
N VAL A 254 -15.30 7.09 -0.06
CA VAL A 254 -15.00 6.08 0.96
C VAL A 254 -13.91 5.06 0.62
N THR A 255 -13.47 4.99 -0.64
CA THR A 255 -12.34 4.11 -0.97
C THR A 255 -11.00 4.57 -0.35
N SER A 256 -10.93 5.82 0.13
CA SER A 256 -9.77 6.38 0.85
C SER A 256 -8.42 6.05 0.18
N ILE A 257 -8.29 6.42 -1.08
CA ILE A 257 -7.09 6.06 -1.86
C ILE A 257 -6.06 7.19 -2.06
N GLY A 258 -6.45 8.41 -1.70
CA GLY A 258 -5.58 9.58 -1.76
C GLY A 258 -4.27 9.43 -1.00
N PRO A 259 -4.30 8.86 0.22
CA PRO A 259 -3.05 8.64 0.92
C PRO A 259 -2.12 7.74 0.13
N ASP A 260 -2.63 6.57 -0.26
CA ASP A 260 -1.79 5.53 -0.85
C ASP A 260 -1.37 5.84 -2.26
N THR A 261 -2.29 6.36 -3.06
CA THR A 261 -1.99 6.76 -4.43
C THR A 261 -0.98 7.93 -4.50
N ARG A 262 -0.92 8.76 -3.46
CA ARG A 262 0.06 9.84 -3.38
C ARG A 262 1.45 9.27 -3.15
N GLU A 263 1.54 8.37 -2.17
CA GLU A 263 2.77 7.61 -1.89
C GLU A 263 3.31 6.95 -3.16
N VAL A 264 2.42 6.49 -4.05
CA VAL A 264 2.82 5.94 -5.35
C VAL A 264 3.16 7.04 -6.36
N ASN A 265 2.36 8.11 -6.38
CA ASN A 265 2.55 9.17 -7.37
C ASN A 265 2.15 10.51 -6.77
N PRO A 266 3.15 11.32 -6.36
CA PRO A 266 2.89 12.62 -5.73
C PRO A 266 2.40 13.70 -6.70
N ASP A 267 2.50 13.44 -8.01
CA ASP A 267 1.98 14.39 -9.00
C ASP A 267 0.45 14.54 -8.99
N ILE A 268 -0.29 13.55 -8.49
CA ILE A 268 -1.76 13.57 -8.65
C ILE A 268 -2.46 14.54 -7.70
N GLN A 269 -3.21 15.45 -8.32
CA GLN A 269 -4.16 16.32 -7.63
C GLN A 269 -5.53 15.63 -7.61
N LEU A 270 -5.88 15.05 -6.48
CA LEU A 270 -7.21 14.52 -6.28
C LEU A 270 -8.06 15.58 -5.65
N GLY A 271 -9.34 15.57 -5.98
CA GLY A 271 -10.31 16.43 -5.30
C GLY A 271 -11.39 15.58 -4.67
N VAL A 272 -12.10 16.20 -3.72
CA VAL A 272 -13.31 15.59 -3.17
C VAL A 272 -14.47 16.56 -3.27
N MET A 273 -15.64 16.01 -3.65
CA MET A 273 -16.88 16.75 -3.80
C MET A 273 -18.00 16.01 -3.07
N PRO A 274 -19.02 16.76 -2.63
CA PRO A 274 -20.11 16.07 -1.93
C PRO A 274 -20.91 15.14 -2.86
N THR A 275 -21.74 14.31 -2.26
CA THR A 275 -22.69 13.51 -3.00
C THR A 275 -23.62 14.49 -3.72
N PRO A 276 -23.70 14.39 -5.06
CA PRO A 276 -24.52 15.31 -5.84
C PRO A 276 -26.03 15.19 -5.55
N ALA A 277 -26.75 16.27 -5.83
CA ALA A 277 -28.20 16.30 -5.74
C ALA A 277 -28.80 15.54 -6.94
N VAL A 278 -30.05 15.12 -6.83
CA VAL A 278 -30.74 14.44 -7.94
C VAL A 278 -31.74 15.35 -8.63
N TYR A 279 -32.48 16.12 -7.84
CA TYR A 279 -33.51 16.96 -8.38
C TYR A 279 -33.00 18.39 -8.46
N GLU A 280 -33.25 19.04 -9.59
CA GLU A 280 -32.98 20.46 -9.75
C GLU A 280 -33.54 21.24 -8.57
N GLY A 281 -32.78 22.23 -8.11
CA GLY A 281 -33.16 23.01 -6.95
C GLY A 281 -32.58 22.44 -5.67
N ASP A 282 -32.46 21.11 -5.59
CA ASP A 282 -31.85 20.49 -4.41
C ASP A 282 -30.35 20.73 -4.42
N LYS A 283 -29.76 20.68 -3.24
CA LYS A 283 -28.33 20.81 -3.13
C LYS A 283 -27.66 19.49 -2.79
N PRO A 284 -26.34 19.39 -3.07
CA PRO A 284 -25.56 18.23 -2.66
C PRO A 284 -25.52 18.09 -1.15
N SER A 285 -25.09 16.91 -0.71
CA SER A 285 -24.97 16.60 0.69
C SER A 285 -23.70 15.80 0.96
N TRP A 286 -23.02 16.11 2.07
CA TRP A 286 -22.01 15.23 2.60
C TRP A 286 -22.75 14.16 3.42
N ILE A 287 -22.36 12.91 3.31
CA ILE A 287 -22.92 11.87 4.17
C ILE A 287 -22.02 11.57 5.35
N GLY A 288 -22.53 11.79 6.57
CA GLY A 288 -21.71 11.76 7.78
C GLY A 288 -22.06 10.63 8.74
N GLY A 289 -21.55 10.72 9.96
CA GLY A 289 -21.77 9.71 10.97
C GLY A 289 -20.50 8.94 11.30
N GLU A 290 -20.69 7.79 11.92
CA GLU A 290 -19.58 6.93 12.30
C GLU A 290 -18.90 6.37 11.07
N ARG A 291 -17.60 6.14 11.16
CA ARG A 291 -16.90 5.30 10.19
C ARG A 291 -16.21 4.17 10.94
N HIS A 292 -15.09 4.45 11.58
CA HIS A 292 -14.46 3.45 12.42
C HIS A 292 -14.57 3.88 13.88
N THR A 293 -15.07 2.96 14.69
CA THR A 293 -15.24 3.18 16.11
C THR A 293 -14.78 1.94 16.86
N VAL A 294 -14.62 2.11 18.16
CA VAL A 294 -14.46 0.98 19.04
C VAL A 294 -15.33 1.20 20.27
N ALA A 295 -16.23 0.24 20.49
CA ALA A 295 -17.02 0.15 21.70
C ALA A 295 -16.43 -0.94 22.59
N VAL A 296 -16.72 -0.86 23.87
CA VAL A 296 -16.31 -1.89 24.84
C VAL A 296 -17.53 -2.75 25.13
N TRP A 297 -17.33 -4.06 25.19
CA TRP A 297 -18.40 -4.97 25.52
C TRP A 297 -18.77 -4.76 26.96
N LYS A 298 -20.02 -4.40 27.18
CA LYS A 298 -20.55 -4.23 28.53
C LYS A 298 -20.16 -5.39 29.44
N ASP A 299 -20.21 -6.61 28.92
CA ASP A 299 -19.92 -7.80 29.72
C ASP A 299 -18.49 -8.33 29.57
N SER A 300 -17.56 -7.48 29.14
CA SER A 300 -16.15 -7.85 29.11
C SER A 300 -15.69 -8.25 30.50
N GLU A 301 -14.77 -9.21 30.54
CA GLU A 301 -14.10 -9.60 31.77
C GLU A 301 -12.91 -8.68 32.05
N HIS A 302 -12.57 -7.81 31.09
CA HIS A 302 -11.46 -6.89 31.25
C HIS A 302 -11.90 -5.48 30.84
N LEU A 303 -13.05 -5.08 31.38
CA LEU A 303 -13.64 -3.76 31.10
C LEU A 303 -12.65 -2.62 31.26
N GLU A 304 -11.88 -2.66 32.34
CA GLU A 304 -11.03 -1.53 32.69
C GLU A 304 -9.82 -1.45 31.77
N GLU A 305 -9.27 -2.62 31.45
CA GLU A 305 -8.17 -2.71 30.49
C GLU A 305 -8.64 -2.27 29.10
N ALA A 306 -9.84 -2.72 28.72
CA ALA A 306 -10.40 -2.36 27.44
C ALA A 306 -10.54 -0.84 27.31
N LYS A 307 -11.04 -0.20 28.37
CA LYS A 307 -11.12 1.26 28.38
C LYS A 307 -9.74 1.94 28.41
N ARG A 308 -8.77 1.30 29.05
CA ARG A 308 -7.43 1.86 29.03
C ARG A 308 -6.86 1.92 27.62
N PHE A 309 -7.22 0.96 26.77
CA PHE A 309 -6.80 1.02 25.38
C PHE A 309 -7.37 2.26 24.71
N ILE A 310 -8.65 2.49 24.95
CA ILE A 310 -9.29 3.62 24.32
C ILE A 310 -8.65 4.94 24.76
N GLU A 311 -8.43 5.06 26.06
CA GLU A 311 -7.79 6.24 26.63
C GLU A 311 -6.39 6.48 26.03
N PHE A 312 -5.58 5.43 25.99
CA PHE A 312 -4.30 5.43 25.28
C PHE A 312 -4.47 5.90 23.82
N ALA A 313 -5.40 5.29 23.09
CA ALA A 313 -5.61 5.62 21.65
C ALA A 313 -6.07 7.05 21.41
N ALA A 314 -6.77 7.65 22.39
CA ALA A 314 -7.30 9.00 22.27
C ALA A 314 -6.28 10.12 22.54
N GLN A 315 -5.03 9.75 22.79
CA GLN A 315 -3.99 10.76 22.96
C GLN A 315 -3.78 11.53 21.67
N PRO A 316 -3.46 12.81 21.80
CA PRO A 316 -3.33 13.62 20.60
C PRO A 316 -2.48 12.94 19.52
N LYS A 317 -1.34 12.37 19.93
CA LYS A 317 -0.40 11.78 18.97
C LYS A 317 -1.03 10.64 18.20
N TYR A 318 -1.76 9.76 18.89
CA TYR A 318 -2.29 8.57 18.23
C TYR A 318 -3.52 8.87 17.45
N VAL A 319 -4.27 9.86 17.90
CA VAL A 319 -5.35 10.38 17.11
C VAL A 319 -4.77 10.81 15.77
N LYS A 320 -3.67 11.56 15.82
CA LYS A 320 -3.07 12.08 14.60
C LYS A 320 -2.59 10.97 13.68
N LYS A 321 -2.00 9.93 14.24
CA LYS A 321 -1.55 8.78 13.45
C LYS A 321 -2.74 8.19 12.73
N ILE A 322 -3.78 7.87 13.48
CA ILE A 322 -4.90 7.12 12.93
C ILE A 322 -5.66 8.02 11.95
N ALA A 323 -5.66 9.31 12.25
CA ALA A 323 -6.27 10.29 11.36
C ALA A 323 -5.62 10.23 9.98
N GLU A 324 -4.29 10.27 9.97
CA GLU A 324 -3.53 10.34 8.73
C GLU A 324 -3.52 9.03 7.91
N ALA A 325 -3.78 7.90 8.57
CA ALA A 325 -3.83 6.61 7.88
C ALA A 325 -5.02 6.48 6.92
N THR A 326 -5.96 7.40 7.01
CA THR A 326 -7.03 7.53 6.01
C THR A 326 -7.18 8.98 5.56
N SER A 327 -8.08 9.21 4.61
CA SER A 327 -8.48 10.54 4.22
C SER A 327 -9.76 10.96 4.95
N PHE A 328 -10.20 10.17 5.93
CA PHE A 328 -11.44 10.48 6.65
C PHE A 328 -11.19 11.57 7.67
N PRO A 329 -12.13 12.50 7.82
CA PRO A 329 -11.93 13.52 8.84
C PRO A 329 -11.93 12.97 10.27
N GLN A 330 -11.37 13.80 11.15
CA GLN A 330 -11.24 13.49 12.56
C GLN A 330 -12.55 13.64 13.28
N ALA A 331 -12.64 12.93 14.41
CA ALA A 331 -13.84 12.86 15.25
C ALA A 331 -13.77 13.75 16.49
N LEU A 332 -12.55 14.09 16.90
CA LEU A 332 -12.30 14.91 18.07
C LEU A 332 -11.84 16.28 17.65
N THR A 333 -12.10 17.25 18.52
CA THR A 333 -11.80 18.65 18.27
C THR A 333 -10.42 19.00 18.83
N ASN A 334 -9.83 18.07 19.59
CA ASN A 334 -8.57 18.29 20.29
C ASN A 334 -7.33 18.24 19.39
N THR A 335 -7.44 17.66 18.20
CA THR A 335 -6.30 17.55 17.32
C THR A 335 -6.07 18.87 16.62
N GLU A 336 -4.87 19.40 16.77
CA GLU A 336 -4.46 20.63 16.10
C GLU A 336 -4.27 20.44 14.59
N ALA A 337 -4.44 19.19 14.12
CA ALA A 337 -4.19 18.87 12.72
C ALA A 337 -5.41 19.16 11.87
N GLU A 338 -5.18 19.62 10.64
CA GLU A 338 -6.26 19.81 9.69
C GLU A 338 -6.71 18.48 9.08
N ASN A 339 -7.96 18.42 8.66
CA ASN A 339 -8.48 17.27 7.92
C ASN A 339 -7.83 17.22 6.55
N TYR A 340 -7.80 16.04 5.96
CA TYR A 340 -7.03 15.81 4.74
C TYR A 340 -7.52 16.67 3.59
N TYR A 341 -8.84 16.75 3.47
CA TYR A 341 -9.50 17.52 2.42
C TYR A 341 -10.11 18.84 2.91
N SER A 342 -9.57 19.40 3.99
CA SER A 342 -10.04 20.69 4.54
C SER A 342 -10.15 21.79 3.49
N LYS A 343 -9.27 21.74 2.50
CA LYS A 343 -9.25 22.68 1.38
C LYS A 343 -10.56 22.70 0.60
N PHE A 344 -11.09 21.53 0.28
CA PHE A 344 -12.33 21.43 -0.46
C PHE A 344 -13.53 21.69 0.45
N TYR A 345 -13.42 21.25 1.72
CA TYR A 345 -14.48 21.48 2.69
C TYR A 345 -14.76 22.97 2.92
N ASP A 346 -13.73 23.80 2.85
CA ASP A 346 -13.91 25.25 2.89
C ASP A 346 -14.69 25.69 1.66
N GLN A 347 -14.40 25.05 0.52
CA GLN A 347 -15.03 25.35 -0.77
C GLN A 347 -16.49 24.89 -0.85
N TYR A 348 -16.90 24.02 0.08
CA TYR A 348 -18.28 23.55 0.21
C TYR A 348 -18.79 23.74 1.63
N GLU A 349 -18.40 24.84 2.29
CA GLU A 349 -18.93 25.16 3.62
C GLU A 349 -20.45 25.24 3.64
N GLU A 350 -21.05 25.54 2.48
CA GLU A 350 -22.50 25.61 2.34
C GLU A 350 -23.22 24.25 2.46
N ILE A 351 -22.53 23.16 2.16
CA ILE A 351 -23.18 21.87 2.05
C ILE A 351 -23.42 21.23 3.41
N LYS A 352 -24.65 20.79 3.64
CA LYS A 352 -25.04 20.17 4.91
C LYS A 352 -24.62 18.70 4.97
N ILE A 353 -24.64 18.15 6.18
CA ILE A 353 -24.27 16.76 6.41
C ILE A 353 -25.51 15.94 6.65
N GLU A 354 -25.66 14.85 5.93
CA GLU A 354 -26.78 13.94 6.14
C GLU A 354 -26.28 12.61 6.65
N PRO A 355 -27.05 11.94 7.51
CA PRO A 355 -26.68 10.59 7.91
C PRO A 355 -26.82 9.59 6.75
N TYR A 356 -26.20 8.43 6.87
CA TYR A 356 -26.39 7.41 5.86
C TYR A 356 -27.85 6.97 5.86
N PHE A 357 -28.40 6.91 4.66
CA PHE A 357 -29.76 6.48 4.44
C PHE A 357 -30.07 5.15 5.10
N ASP A 358 -29.24 4.14 4.90
CA ASP A 358 -29.57 2.82 5.46
C ASP A 358 -29.41 2.75 6.98
N ARG A 359 -28.62 3.65 7.56
CA ARG A 359 -28.37 3.63 9.00
C ARG A 359 -29.54 4.10 9.84
N VAL A 360 -30.29 5.05 9.31
CA VAL A 360 -31.35 5.67 10.08
C VAL A 360 -32.72 5.57 9.46
N TYR A 361 -32.84 5.24 8.18
CA TYR A 361 -34.18 5.12 7.58
C TYR A 361 -34.62 3.70 7.24
N LEU A 362 -33.77 2.70 7.52
CA LEU A 362 -34.06 1.30 7.17
C LEU A 362 -33.72 0.36 8.31
N PRO A 363 -34.39 -0.77 8.38
CA PRO A 363 -33.99 -1.81 9.33
C PRO A 363 -32.61 -2.40 9.02
N SER A 364 -31.92 -2.90 10.05
CA SER A 364 -30.65 -3.60 9.82
C SER A 364 -30.91 -4.76 8.86
N GLY A 365 -30.01 -4.98 7.92
CA GLY A 365 -30.18 -6.02 6.91
C GLY A 365 -30.22 -5.46 5.50
N MET A 366 -30.69 -4.23 5.35
CA MET A 366 -30.92 -3.72 3.99
C MET A 366 -29.61 -3.48 3.21
N TRP A 367 -28.50 -3.26 3.93
CA TRP A 367 -27.20 -2.99 3.33
C TRP A 367 -26.72 -4.13 2.42
N ASP A 368 -26.84 -5.36 2.92
CA ASP A 368 -26.45 -6.56 2.17
C ASP A 368 -27.31 -6.75 0.91
N VAL A 369 -28.60 -6.43 1.03
CA VAL A 369 -29.55 -6.55 -0.05
C VAL A 369 -29.24 -5.51 -1.12
N MET A 370 -28.90 -4.32 -0.66
CA MET A 370 -28.43 -3.23 -1.51
C MET A 370 -27.27 -3.67 -2.40
N GLY A 371 -26.29 -4.33 -1.78
CA GLY A 371 -25.07 -4.77 -2.46
C GLY A 371 -25.34 -5.96 -3.33
N THR A 372 -26.05 -6.95 -2.80
CA THR A 372 -26.39 -8.15 -3.55
C THR A 372 -27.14 -7.81 -4.85
N THR A 373 -28.18 -7.01 -4.72
CA THR A 373 -28.99 -6.60 -5.85
C THR A 373 -28.23 -5.70 -6.83
N GLY A 374 -27.31 -4.89 -6.33
CA GLY A 374 -26.39 -4.16 -7.21
C GLY A 374 -25.58 -5.09 -8.12
N GLN A 375 -25.17 -6.24 -7.61
CA GLN A 375 -24.38 -7.20 -8.36
C GLN A 375 -25.21 -7.82 -9.45
N GLU A 376 -26.38 -8.32 -9.05
CA GLU A 376 -27.28 -9.01 -9.97
C GLU A 376 -27.75 -8.10 -11.09
N LEU A 377 -28.01 -6.83 -10.79
CA LEU A 377 -28.32 -5.83 -11.82
C LEU A 377 -27.22 -5.81 -12.88
N LEU A 378 -25.98 -5.72 -12.42
CA LEU A 378 -24.83 -5.66 -13.32
C LEU A 378 -24.66 -6.97 -14.08
N ALA A 379 -24.85 -8.11 -13.42
CA ALA A 379 -24.80 -9.43 -14.08
C ALA A 379 -25.95 -9.67 -15.04
N GLY A 380 -27.06 -8.97 -14.83
CA GLY A 380 -28.24 -9.12 -15.69
C GLY A 380 -29.29 -10.07 -15.15
N THR A 381 -29.14 -10.53 -13.90
CA THR A 381 -30.14 -11.40 -13.28
C THR A 381 -31.41 -10.62 -12.91
N LEU A 382 -31.29 -9.30 -12.71
CA LEU A 382 -32.44 -8.45 -12.38
C LEU A 382 -32.46 -7.23 -13.27
N THR A 383 -33.65 -6.78 -13.65
CA THR A 383 -33.82 -5.45 -14.25
C THR A 383 -33.80 -4.40 -13.11
N PRO A 384 -33.72 -3.10 -13.45
CA PRO A 384 -33.87 -2.09 -12.40
C PRO A 384 -35.18 -2.19 -11.56
N LYS A 385 -36.30 -2.42 -12.24
CA LYS A 385 -37.63 -2.65 -11.59
C LYS A 385 -37.60 -3.84 -10.63
N GLN A 386 -37.01 -4.94 -11.08
CA GLN A 386 -36.87 -6.14 -10.24
C GLN A 386 -35.91 -5.91 -9.07
N VAL A 387 -35.00 -4.95 -9.20
CA VAL A 387 -34.16 -4.60 -8.04
C VAL A 387 -35.04 -3.95 -6.95
N SER A 388 -35.77 -2.91 -7.32
CA SER A 388 -36.71 -2.28 -6.39
C SER A 388 -37.62 -3.33 -5.73
N GLU A 389 -38.08 -4.30 -6.51
CA GLU A 389 -38.96 -5.37 -6.01
C GLU A 389 -38.30 -6.23 -4.93
N LYS A 390 -37.03 -6.56 -5.11
CA LYS A 390 -36.34 -7.34 -4.11
C LYS A 390 -36.13 -6.53 -2.83
N MET A 391 -35.82 -5.25 -2.98
CA MET A 391 -35.61 -4.36 -1.83
C MET A 391 -36.91 -4.28 -1.01
N LYS A 392 -38.05 -4.08 -1.69
CA LYS A 392 -39.36 -4.05 -1.03
C LYS A 392 -39.63 -5.35 -0.28
N GLN A 393 -39.45 -6.46 -0.98
CA GLN A 393 -39.69 -7.77 -0.40
C GLN A 393 -38.90 -7.93 0.89
N GLU A 394 -37.61 -7.58 0.86
CA GLU A 394 -36.77 -7.76 2.05
C GLU A 394 -37.05 -6.72 3.14
N TYR A 395 -37.42 -5.52 2.73
CA TYR A 395 -37.79 -4.45 3.66
C TYR A 395 -39.04 -4.83 4.48
N SER A 396 -40.02 -5.43 3.81
CA SER A 396 -41.22 -5.89 4.49
C SER A 396 -40.89 -7.06 5.43
N ARG A 397 -40.10 -7.99 4.91
CA ARG A 397 -39.69 -9.15 5.70
C ARG A 397 -39.03 -8.67 6.99
N LEU A 398 -38.19 -7.64 6.89
CA LEU A 398 -37.57 -7.08 8.09
C LEU A 398 -38.54 -6.36 9.04
N GLN A 399 -39.85 -6.43 8.78
CA GLN A 399 -40.84 -5.93 9.73
C GLN A 399 -42.06 -6.86 9.78
N VAL B 16 1.63 9.97 -30.16
CA VAL B 16 1.60 8.59 -29.58
C VAL B 16 2.15 8.57 -28.14
N THR B 17 1.49 7.81 -27.27
CA THR B 17 1.94 7.68 -25.89
C THR B 17 2.65 6.34 -25.76
N LEU B 18 3.55 6.25 -24.78
CA LEU B 18 4.27 5.03 -24.50
C LEU B 18 4.10 4.66 -23.03
N THR B 19 4.10 3.36 -22.79
CA THR B 19 3.99 2.82 -21.46
C THR B 19 5.40 2.53 -21.00
N MET B 20 5.71 2.89 -19.77
CA MET B 20 6.97 2.54 -19.17
C MET B 20 6.69 2.05 -17.76
N PHE B 21 7.17 0.86 -17.42
CA PHE B 21 7.12 0.42 -16.01
C PHE B 21 8.52 0.41 -15.38
N SER B 22 8.64 0.90 -14.14
CA SER B 22 9.88 0.84 -13.37
C SER B 22 9.63 0.24 -12.00
N THR B 23 10.66 -0.41 -11.45
CA THR B 23 10.67 -0.88 -10.05
C THR B 23 11.14 0.17 -9.04
N MET B 24 11.45 1.39 -9.49
CA MET B 24 11.87 2.48 -8.58
C MET B 24 10.82 2.80 -7.51
N THR B 25 11.25 2.80 -6.23
CA THR B 25 10.35 3.06 -5.11
C THR B 25 10.72 4.32 -4.32
N ASN B 26 11.88 4.92 -4.60
CA ASN B 26 12.33 6.12 -3.88
C ASN B 26 11.93 7.43 -4.60
N ASP B 27 11.42 8.39 -3.82
CA ASP B 27 10.89 9.66 -4.35
C ASP B 27 11.84 10.36 -5.33
N SER B 28 13.04 10.66 -4.84
CA SER B 28 14.05 11.35 -5.65
C SER B 28 14.24 10.66 -7.01
N GLU B 29 14.64 9.41 -6.98
CA GLU B 29 14.87 8.68 -8.22
C GLU B 29 13.62 8.64 -9.10
N LYS B 30 12.46 8.42 -8.49
CA LYS B 30 11.23 8.44 -9.27
C LYS B 30 11.07 9.76 -9.99
N ASN B 31 11.10 10.86 -9.21
CA ASN B 31 11.06 12.22 -9.76
C ASN B 31 12.06 12.49 -10.85
N THR B 32 13.29 12.05 -10.62
CA THR B 32 14.34 12.21 -11.61
C THR B 32 13.93 11.57 -12.93
N LEU B 33 13.58 10.29 -12.87
CA LEU B 33 13.11 9.60 -14.07
C LEU B 33 11.96 10.35 -14.72
N ARG B 34 11.04 10.84 -13.87
CA ARG B 34 9.90 11.61 -14.38
C ARG B 34 10.37 12.82 -15.19
N SER B 35 11.39 13.54 -14.69
CA SER B 35 11.85 14.78 -15.36
C SER B 35 12.52 14.49 -16.70
N ILE B 36 13.26 13.39 -16.74
CA ILE B 36 13.93 12.92 -17.96
C ILE B 36 12.86 12.69 -19.03
N ALA B 37 11.76 12.06 -18.63
CA ALA B 37 10.64 11.82 -19.53
C ALA B 37 10.04 13.15 -20.01
N ASP B 38 9.88 14.10 -19.09
CA ASP B 38 9.35 15.43 -19.47
C ASP B 38 10.30 16.11 -20.47
N ASP B 39 11.60 16.05 -20.21
CA ASP B 39 12.60 16.60 -21.13
C ASP B 39 12.50 15.90 -22.48
N PHE B 40 12.44 14.56 -22.43
CA PHE B 40 12.24 13.80 -23.65
C PHE B 40 10.99 14.27 -24.39
N GLU B 41 9.89 14.44 -23.66
CA GLU B 41 8.64 14.93 -24.25
C GLU B 41 8.78 16.30 -24.92
N LYS B 42 9.47 17.23 -24.25
CA LYS B 42 9.67 18.60 -24.76
C LYS B 42 10.41 18.63 -26.09
N GLU B 43 11.36 17.70 -26.26
CA GLU B 43 12.18 17.62 -27.47
C GLU B 43 11.56 16.74 -28.54
N ASN B 44 10.68 15.84 -28.12
CA ASN B 44 9.99 14.95 -29.04
C ASN B 44 8.51 15.14 -28.84
N GLU B 45 8.00 16.11 -29.58
CA GLU B 45 6.61 16.45 -29.53
C GLU B 45 5.85 15.43 -30.37
N GLY B 46 4.67 15.07 -29.90
CA GLY B 46 3.93 13.96 -30.47
C GLY B 46 4.36 12.64 -29.86
N ILE B 47 5.07 12.68 -28.73
CA ILE B 47 5.39 11.45 -27.99
C ILE B 47 5.30 11.71 -26.48
N LYS B 48 4.35 11.05 -25.83
CA LYS B 48 4.19 11.12 -24.38
C LYS B 48 4.73 9.84 -23.80
N ILE B 49 5.11 9.87 -22.54
CA ILE B 49 5.46 8.63 -21.83
C ILE B 49 4.72 8.64 -20.51
N ASP B 50 4.00 7.56 -20.24
CA ASP B 50 3.32 7.39 -18.97
C ASP B 50 4.09 6.37 -18.20
N ILE B 51 4.49 6.70 -16.98
CA ILE B 51 5.34 5.81 -16.20
C ILE B 51 4.62 5.36 -14.95
N SER B 52 4.73 4.07 -14.66
CA SER B 52 4.07 3.52 -13.48
C SER B 52 5.15 2.98 -12.56
N PHE B 53 4.99 3.23 -11.26
CA PHE B 53 5.93 2.82 -10.25
C PHE B 53 5.20 1.96 -9.23
N PRO B 54 4.89 0.70 -9.60
CA PRO B 54 3.97 -0.10 -8.78
C PRO B 54 4.64 -0.82 -7.62
N GLY B 55 5.92 -0.53 -7.40
CA GLY B 55 6.60 -0.96 -6.21
C GLY B 55 6.38 -2.41 -5.87
N PRO B 56 5.82 -2.69 -4.69
CA PRO B 56 5.75 -4.08 -4.23
C PRO B 56 4.89 -4.98 -5.11
N ASP B 57 4.01 -4.39 -5.95
CA ASP B 57 3.14 -5.14 -6.86
C ASP B 57 3.77 -5.29 -8.25
N TYR B 58 4.97 -4.76 -8.44
CA TYR B 58 5.60 -4.75 -9.76
C TYR B 58 5.66 -6.10 -10.50
N GLU B 59 6.26 -7.11 -9.86
CA GLU B 59 6.60 -8.37 -10.52
C GLU B 59 5.29 -9.11 -10.88
N ASN B 60 4.30 -9.03 -10.02
CA ASN B 60 2.99 -9.59 -10.32
C ASN B 60 2.32 -8.97 -11.54
N MET B 61 2.37 -7.64 -11.64
CA MET B 61 1.79 -6.97 -12.81
C MET B 61 2.47 -7.40 -14.12
N LEU B 62 3.79 -7.49 -14.12
CA LEU B 62 4.45 -7.95 -15.34
C LEU B 62 4.23 -9.43 -15.64
N ARG B 63 4.03 -10.28 -14.62
CA ARG B 63 3.71 -11.69 -14.89
C ARG B 63 2.39 -11.76 -15.61
N VAL B 64 1.40 -11.05 -15.07
CA VAL B 64 0.10 -10.94 -15.71
C VAL B 64 0.30 -10.51 -17.17
N LYS B 65 1.05 -9.45 -17.40
CA LYS B 65 1.22 -8.91 -18.74
C LYS B 65 2.01 -9.82 -19.67
N MET B 66 2.98 -10.54 -19.12
CA MET B 66 3.74 -11.51 -19.92
C MET B 66 2.79 -12.62 -20.40
N ALA B 67 1.93 -13.10 -19.49
CA ALA B 67 0.98 -14.15 -19.81
C ALA B 67 0.02 -13.73 -20.93
N ALA B 68 -0.41 -12.47 -20.93
CA ALA B 68 -1.27 -11.94 -22.00
C ALA B 68 -0.48 -11.50 -23.25
N ASN B 69 0.84 -11.60 -23.22
CA ASN B 69 1.70 -10.96 -24.22
C ASN B 69 1.22 -9.54 -24.52
N ASP B 70 0.98 -8.79 -23.45
CA ASP B 70 0.52 -7.42 -23.52
C ASP B 70 1.45 -6.56 -22.67
N MET B 71 2.69 -6.41 -23.13
CA MET B 71 3.73 -5.80 -22.32
C MET B 71 3.75 -4.28 -22.45
N PRO B 72 4.26 -3.58 -21.43
CA PRO B 72 4.49 -2.15 -21.65
C PRO B 72 5.51 -2.01 -22.75
N ASP B 73 5.55 -0.84 -23.38
CA ASP B 73 6.58 -0.57 -24.38
C ASP B 73 7.98 -0.59 -23.80
N LEU B 74 8.10 -0.06 -22.58
CA LEU B 74 9.35 -0.01 -21.84
C LEU B 74 9.10 -0.59 -20.47
N PHE B 75 9.98 -1.49 -20.00
CA PHE B 75 9.76 -2.11 -18.69
C PHE B 75 11.09 -2.50 -18.03
N ASP B 76 11.12 -2.35 -16.72
CA ASP B 76 12.23 -2.72 -15.86
C ASP B 76 12.30 -4.25 -15.77
N THR B 77 13.49 -4.79 -15.94
CA THR B 77 13.73 -6.22 -15.77
C THR B 77 14.29 -6.58 -14.39
N HIS B 78 14.75 -5.57 -13.63
CA HIS B 78 15.04 -5.73 -12.19
C HIS B 78 15.73 -7.02 -11.74
N GLY B 79 16.74 -7.46 -12.49
CA GLY B 79 17.49 -8.68 -12.15
C GLY B 79 17.21 -9.89 -13.02
N TRP B 80 16.16 -9.82 -13.83
CA TRP B 80 15.72 -10.97 -14.59
C TRP B 80 15.64 -10.80 -16.11
N ALA B 81 16.47 -9.94 -16.68
CA ALA B 81 16.36 -9.61 -18.12
C ALA B 81 16.32 -10.82 -19.04
N LYS B 82 17.25 -11.73 -18.84
CA LYS B 82 17.35 -12.93 -19.66
C LYS B 82 16.41 -14.01 -19.18
N ILE B 83 16.49 -14.32 -17.89
CA ILE B 83 15.87 -15.55 -17.41
C ILE B 83 14.34 -15.45 -17.38
N ARG B 84 13.79 -14.30 -17.03
CA ARG B 84 12.35 -14.13 -17.02
C ARG B 84 11.83 -13.40 -18.24
N TYR B 85 12.48 -12.31 -18.63
CA TYR B 85 11.92 -11.42 -19.62
C TYR B 85 12.47 -11.67 -21.02
N GLY B 86 13.37 -12.63 -21.17
CA GLY B 86 14.18 -12.75 -22.38
C GLY B 86 13.41 -12.68 -23.68
N GLU B 87 12.35 -13.49 -23.76
CA GLU B 87 11.58 -13.63 -24.99
C GLU B 87 10.78 -12.39 -25.32
N TYR B 88 10.61 -11.49 -24.35
CA TYR B 88 9.84 -10.25 -24.55
C TYR B 88 10.67 -9.03 -24.95
N THR B 89 12.00 -9.16 -24.87
CA THR B 89 12.89 -8.00 -25.06
C THR B 89 13.34 -7.84 -26.50
N ALA B 90 13.36 -6.59 -26.97
CA ALA B 90 13.97 -6.30 -28.26
C ALA B 90 15.48 -6.30 -28.05
N ASP B 91 16.20 -6.75 -29.06
CA ASP B 91 17.64 -6.77 -29.05
C ASP B 91 18.22 -5.36 -29.20
N LEU B 92 18.93 -4.87 -28.19
CA LEU B 92 19.42 -3.48 -28.21
C LEU B 92 20.88 -3.35 -28.64
N LYS B 93 21.40 -4.38 -29.29
CA LYS B 93 22.84 -4.51 -29.44
C LYS B 93 23.49 -3.49 -30.33
N ASP B 94 22.73 -2.81 -31.17
CA ASP B 94 23.33 -1.85 -32.09
C ASP B 94 23.28 -0.44 -31.54
N MET B 95 22.65 -0.25 -30.37
CA MET B 95 22.55 1.08 -29.77
C MET B 95 23.94 1.56 -29.29
N ASP B 96 24.10 2.87 -29.22
CA ASP B 96 25.42 3.48 -29.07
C ASP B 96 25.99 3.30 -27.69
N TRP B 97 25.12 3.26 -26.70
CA TRP B 97 25.51 3.06 -25.31
C TRP B 97 26.18 1.71 -25.01
N VAL B 98 25.94 0.70 -25.85
CA VAL B 98 26.31 -0.68 -25.57
C VAL B 98 27.83 -0.83 -25.36
N LYS B 99 28.62 -0.24 -26.24
CA LYS B 99 30.07 -0.27 -26.10
C LYS B 99 30.60 0.33 -24.80
N HIS B 100 29.77 1.04 -24.05
CA HIS B 100 30.20 1.58 -22.77
C HIS B 100 29.75 0.77 -21.59
N LEU B 101 29.15 -0.40 -21.83
CA LEU B 101 28.65 -1.20 -20.74
C LEU B 101 29.82 -1.76 -19.93
N ASP B 102 29.75 -1.64 -18.61
CA ASP B 102 30.71 -2.29 -17.72
C ASP B 102 30.78 -3.80 -18.01
N PRO B 103 31.97 -4.32 -18.33
CA PRO B 103 32.11 -5.72 -18.78
C PRO B 103 31.56 -6.72 -17.79
N ASN B 104 31.53 -6.33 -16.53
CA ASN B 104 31.01 -7.20 -15.52
C ASN B 104 29.52 -7.45 -15.68
N LEU B 105 28.83 -6.59 -16.42
CA LEU B 105 27.45 -6.83 -16.73
C LEU B 105 27.24 -7.62 -18.05
N ASP B 106 28.30 -7.93 -18.77
CA ASP B 106 28.19 -8.60 -20.06
C ASP B 106 27.43 -9.96 -20.01
N PRO B 107 27.73 -10.83 -19.03
CA PRO B 107 27.03 -12.14 -19.02
C PRO B 107 25.60 -12.04 -18.55
N ILE B 108 25.26 -10.91 -17.96
CA ILE B 108 23.95 -10.65 -17.41
C ILE B 108 23.01 -10.02 -18.41
N LEU B 109 23.54 -9.13 -19.24
CA LEU B 109 22.70 -8.39 -20.20
C LEU B 109 22.94 -8.81 -21.63
N LYS B 110 23.86 -9.72 -21.88
CA LYS B 110 24.06 -10.23 -23.24
C LYS B 110 24.00 -11.74 -23.24
N ASP B 111 23.79 -12.34 -24.41
CA ASP B 111 23.88 -13.80 -24.58
C ASP B 111 24.90 -14.15 -25.60
N GLU B 112 25.08 -15.45 -25.81
CA GLU B 112 26.03 -15.97 -26.77
C GLU B 112 25.70 -15.61 -28.22
N LYS B 113 24.48 -15.18 -28.51
CA LYS B 113 24.11 -14.74 -29.86
C LYS B 113 24.53 -13.31 -30.13
N GLY B 114 24.86 -12.57 -29.06
CA GLY B 114 25.24 -11.18 -29.17
C GLY B 114 24.12 -10.24 -28.78
N LYS B 115 22.94 -10.79 -28.51
CA LYS B 115 21.80 -9.96 -28.16
C LYS B 115 22.06 -9.23 -26.85
N VAL B 116 21.63 -7.97 -26.81
CA VAL B 116 21.61 -7.17 -25.60
C VAL B 116 20.15 -6.95 -25.20
N TYR B 117 19.85 -7.22 -23.93
CA TYR B 117 18.49 -7.45 -23.46
C TYR B 117 17.82 -6.23 -22.83
N ALA B 118 18.61 -5.35 -22.23
CA ALA B 118 18.09 -4.19 -21.50
C ALA B 118 19.18 -3.13 -21.23
N TYR B 119 18.75 -1.89 -21.04
CA TYR B 119 19.61 -0.78 -20.63
C TYR B 119 19.61 -0.61 -19.09
N PRO B 120 20.80 -0.68 -18.50
CA PRO B 120 20.91 -0.53 -17.05
C PRO B 120 21.09 0.92 -16.66
N PHE B 121 20.22 1.39 -15.81
CA PHE B 121 20.33 2.70 -15.18
C PHE B 121 21.52 2.77 -14.23
N ASN B 122 21.77 1.63 -13.58
CA ASN B 122 22.72 1.50 -12.50
C ASN B 122 23.04 0.02 -12.37
N GLN B 123 23.70 -0.36 -11.30
CA GLN B 123 23.91 -1.76 -11.02
C GLN B 123 24.02 -1.98 -9.53
N ALA B 124 23.81 -3.20 -9.12
CA ALA B 124 23.85 -3.57 -7.72
C ALA B 124 25.27 -3.85 -7.24
N LYS B 125 25.59 -3.31 -6.07
CA LYS B 125 26.75 -3.70 -5.31
C LYS B 125 26.34 -3.67 -3.85
N ASP B 126 25.69 -4.72 -3.37
CA ASP B 126 24.92 -4.66 -2.14
C ASP B 126 25.50 -5.39 -0.93
N GLY B 127 25.54 -4.67 0.19
CA GLY B 127 25.86 -5.22 1.48
C GLY B 127 25.00 -4.62 2.57
N ILE B 128 25.64 -4.03 3.56
CA ILE B 128 24.96 -3.33 4.64
C ILE B 128 25.50 -1.91 4.88
N VAL B 129 24.62 -0.92 4.91
CA VAL B 129 24.99 0.42 5.33
C VAL B 129 24.93 0.60 6.85
N TYR B 130 25.68 1.57 7.37
CA TYR B 130 25.68 1.83 8.79
C TYR B 130 26.17 3.25 9.05
N ASN B 131 26.04 3.68 10.31
CA ASN B 131 26.56 4.96 10.77
C ASN B 131 28.01 4.75 11.21
N ALA B 132 28.94 5.29 10.44
CA ALA B 132 30.37 5.18 10.76
C ALA B 132 30.73 5.84 12.10
N GLY B 133 30.16 7.01 12.36
CA GLY B 133 30.45 7.74 13.62
C GLY B 133 29.97 6.98 14.84
N LEU B 134 28.80 6.36 14.72
CA LEU B 134 28.20 5.61 15.82
C LEU B 134 29.03 4.37 16.15
N LEU B 135 29.42 3.61 15.12
CA LEU B 135 30.31 2.46 15.32
C LEU B 135 31.65 2.88 15.93
N LYS B 136 32.17 4.03 15.50
CA LYS B 136 33.40 4.58 16.09
C LYS B 136 33.18 4.96 17.55
N LYS B 137 32.09 5.69 17.82
CA LYS B 137 31.68 6.00 19.19
C LYS B 137 31.75 4.78 20.10
N TYR B 138 31.26 3.64 19.60
CA TYR B 138 31.18 2.39 20.36
C TYR B 138 32.41 1.48 20.19
N GLY B 139 33.32 1.85 19.29
CA GLY B 139 34.55 1.10 19.07
C GLY B 139 34.27 -0.24 18.43
N LEU B 140 33.52 -0.20 17.33
CA LEU B 140 33.17 -1.41 16.60
C LEU B 140 33.65 -1.25 15.17
N LYS B 141 34.36 -2.27 14.68
CA LYS B 141 34.69 -2.34 13.26
C LYS B 141 33.50 -2.86 12.48
N PRO B 142 33.42 -2.53 11.19
CA PRO B 142 32.33 -3.05 10.37
C PRO B 142 32.34 -4.58 10.35
N PRO B 143 31.26 -5.23 10.79
CA PRO B 143 31.34 -6.68 10.91
C PRO B 143 31.63 -7.42 9.61
N GLN B 144 32.46 -8.45 9.72
CA GLN B 144 32.89 -9.27 8.61
C GLN B 144 32.10 -10.58 8.54
N THR B 145 31.64 -11.08 9.69
CA THR B 145 30.82 -12.28 9.77
C THR B 145 29.48 -11.98 10.44
N LEU B 146 28.56 -12.94 10.32
CA LEU B 146 27.24 -12.81 10.92
C LEU B 146 27.35 -12.87 12.42
N ASP B 147 28.29 -13.69 12.89
CA ASP B 147 28.54 -13.83 14.32
C ASP B 147 29.10 -12.53 14.91
N GLU B 148 29.96 -11.84 14.15
CA GLU B 148 30.43 -10.50 14.53
C GLU B 148 29.26 -9.52 14.54
N LEU B 149 28.43 -9.58 13.52
CA LEU B 149 27.32 -8.65 13.39
C LEU B 149 26.39 -8.77 14.59
N MET B 150 26.03 -10.00 14.96
CA MET B 150 25.18 -10.23 16.11
C MET B 150 25.78 -9.62 17.38
N HIS B 151 27.08 -9.77 17.57
CA HIS B 151 27.76 -9.16 18.73
C HIS B 151 27.82 -7.63 18.63
N ALA B 152 27.99 -7.10 17.42
CA ALA B 152 27.93 -5.66 17.18
C ALA B 152 26.55 -5.15 17.55
N LEU B 153 25.52 -5.86 17.11
CA LEU B 153 24.14 -5.49 17.43
C LEU B 153 23.88 -5.52 18.95
N GLU B 154 24.27 -6.62 19.59
CA GLU B 154 24.19 -6.76 21.04
C GLU B 154 24.96 -5.63 21.72
N THR B 155 26.16 -5.34 21.22
CA THR B 155 27.02 -4.26 21.78
C THR B 155 26.37 -2.88 21.65
N ILE B 156 25.76 -2.61 20.50
CA ILE B 156 25.13 -1.32 20.28
C ILE B 156 23.99 -1.17 21.26
N LYS B 157 23.18 -2.21 21.39
CA LYS B 157 22.07 -2.20 22.35
C LYS B 157 22.50 -1.79 23.76
N GLU B 158 23.67 -2.27 24.20
CA GLU B 158 24.15 -1.98 25.57
C GLU B 158 24.61 -0.54 25.70
N LYS B 159 25.60 -0.15 24.90
CA LYS B 159 26.14 1.20 24.92
C LYS B 159 25.06 2.23 24.54
N SER B 160 24.14 1.83 23.68
CA SER B 160 23.01 2.66 23.28
C SER B 160 22.20 3.11 24.47
N ASN B 161 22.04 2.21 25.45
CA ASN B 161 21.16 2.44 26.58
C ASN B 161 19.70 2.50 26.06
N GLY B 162 19.44 1.80 24.96
CA GLY B 162 18.12 1.74 24.34
C GLY B 162 17.84 2.80 23.27
N SER B 163 18.66 3.86 23.24
CA SER B 163 18.39 5.00 22.36
C SER B 163 18.60 4.71 20.88
N VAL B 164 19.42 3.70 20.57
CA VAL B 164 19.73 3.29 19.20
C VAL B 164 19.03 1.98 18.84
N ILE B 165 18.56 1.88 17.60
CA ILE B 165 18.09 0.61 17.02
C ILE B 165 19.24 -0.01 16.26
N PRO B 166 19.74 -1.18 16.71
CA PRO B 166 20.93 -1.75 16.08
C PRO B 166 20.76 -2.09 14.59
N PHE B 167 19.64 -2.70 14.21
CA PHE B 167 19.40 -3.02 12.78
C PHE B 167 17.94 -2.76 12.44
N TRP B 168 17.70 -1.90 11.46
CA TRP B 168 16.34 -1.48 11.12
C TRP B 168 15.79 -2.13 9.84
N PHE B 169 14.56 -2.63 9.89
CA PHE B 169 13.84 -3.14 8.70
C PHE B 169 12.44 -2.51 8.59
N ALA B 170 12.06 -2.12 7.37
CA ALA B 170 10.71 -1.61 7.04
C ALA B 170 9.74 -2.76 6.74
N GLY B 171 9.48 -3.58 7.77
CA GLY B 171 8.76 -4.85 7.63
C GLY B 171 7.40 -4.85 6.94
N SER B 172 6.72 -3.70 6.91
CA SER B 172 5.45 -3.58 6.22
C SER B 172 5.58 -4.03 4.77
N ASP B 173 6.73 -3.73 4.18
CA ASP B 173 7.12 -4.18 2.83
C ASP B 173 7.84 -5.53 2.93
N LYS B 174 7.27 -6.56 2.30
CA LYS B 174 7.83 -7.93 2.29
C LYS B 174 9.24 -8.00 1.72
N GLY B 175 9.49 -7.26 0.65
CA GLY B 175 10.80 -7.26 0.00
C GLY B 175 11.95 -6.80 0.89
N ALA B 176 11.69 -5.86 1.79
CA ALA B 176 12.71 -5.40 2.74
C ALA B 176 13.05 -6.52 3.73
N LEU B 177 12.14 -7.47 3.91
CA LEU B 177 12.47 -8.64 4.71
C LEU B 177 13.16 -9.71 3.87
N ALA B 178 12.60 -9.96 2.69
CA ALA B 178 13.17 -10.94 1.76
C ALA B 178 14.64 -10.63 1.46
N GLN B 179 14.91 -9.33 1.28
CA GLN B 179 16.27 -8.81 1.08
C GLN B 179 17.34 -9.42 2.01
N PHE B 180 16.97 -9.59 3.26
CA PHE B 180 17.88 -10.05 4.31
C PHE B 180 18.21 -11.52 4.10
N TYR B 181 17.18 -12.32 3.85
CA TYR B 181 17.35 -13.74 3.57
C TYR B 181 18.13 -13.93 2.26
N ASP B 182 17.79 -13.11 1.26
CA ASP B 182 18.33 -13.24 -0.10
C ASP B 182 19.86 -12.97 -0.07
N GLN B 183 20.28 -11.87 0.53
CA GLN B 183 21.73 -11.58 0.65
C GLN B 183 22.49 -12.65 1.45
N LEU B 184 21.96 -13.06 2.59
CA LEU B 184 22.67 -14.00 3.44
C LEU B 184 22.69 -15.41 2.92
N ALA B 185 21.79 -15.72 1.99
CA ALA B 185 21.76 -17.05 1.38
C ALA B 185 23.07 -17.32 0.67
N THR B 186 23.65 -16.26 0.10
CA THR B 186 24.90 -16.37 -0.64
C THR B 186 26.04 -16.93 0.23
N PRO B 187 26.41 -16.23 1.33
CA PRO B 187 27.41 -16.84 2.23
C PRO B 187 26.95 -18.14 2.91
N LEU B 188 25.66 -18.26 3.20
CA LEU B 188 25.15 -19.48 3.84
C LEU B 188 25.32 -20.69 2.93
N LEU B 189 24.99 -20.53 1.66
CA LEU B 189 24.81 -21.67 0.78
C LEU B 189 25.71 -21.68 -0.45
N ILE B 190 26.36 -20.56 -0.77
CA ILE B 190 27.07 -20.46 -2.03
C ILE B 190 28.58 -20.40 -1.82
N THR B 191 29.05 -19.39 -1.09
CA THR B 191 30.47 -19.01 -1.17
C THR B 191 31.42 -19.89 -0.38
N ASP B 192 31.00 -20.38 0.78
CA ASP B 192 31.91 -21.21 1.55
C ASP B 192 32.14 -22.55 0.84
N ASP B 193 33.28 -22.66 0.14
CA ASP B 193 33.59 -23.86 -0.64
C ASP B 193 33.96 -25.05 0.26
N ARG B 194 33.89 -24.87 1.56
CA ARG B 194 33.85 -26.01 2.46
C ARG B 194 32.42 -26.37 2.90
N ARG B 195 31.53 -25.38 2.98
CA ARG B 195 30.15 -25.60 3.42
C ARG B 195 29.14 -24.80 2.60
N ASN B 196 28.69 -25.41 1.51
CA ASN B 196 27.71 -24.79 0.63
C ASN B 196 26.74 -25.86 0.15
N GLU B 197 25.80 -25.49 -0.70
CA GLU B 197 24.81 -26.42 -1.22
C GLU B 197 24.63 -26.29 -2.70
N LYS B 198 25.72 -25.99 -3.40
CA LYS B 198 25.67 -25.78 -4.83
C LYS B 198 25.19 -27.05 -5.52
N LYS B 199 25.86 -28.16 -5.24
CA LYS B 199 25.52 -29.42 -5.88
C LYS B 199 24.02 -29.68 -5.74
N ALA B 200 23.52 -29.58 -4.51
CA ALA B 200 22.09 -29.79 -4.22
C ALA B 200 21.19 -28.84 -5.01
N LEU B 201 21.52 -27.55 -5.00
CA LEU B 201 20.73 -26.53 -5.70
C LEU B 201 20.68 -26.76 -7.19
N GLU B 202 21.76 -27.29 -7.75
CA GLU B 202 21.84 -27.49 -9.19
C GLU B 202 21.31 -28.86 -9.63
N ASN B 203 21.07 -29.75 -8.67
CA ASN B 203 20.32 -30.99 -8.91
C ASN B 203 18.82 -30.75 -8.91
N GLY B 204 18.41 -29.73 -8.15
CA GLY B 204 17.02 -29.58 -7.74
C GLY B 204 16.75 -30.28 -6.42
N THR B 205 17.81 -30.71 -5.74
CA THR B 205 17.74 -31.61 -4.57
C THR B 205 17.88 -30.91 -3.22
N PHE B 206 18.03 -29.58 -3.22
CA PHE B 206 18.23 -28.82 -1.98
C PHE B 206 17.06 -28.97 -0.99
N ASP B 207 17.37 -29.20 0.29
CA ASP B 207 16.34 -29.52 1.28
C ASP B 207 16.01 -28.42 2.31
N TRP B 208 16.64 -27.26 2.18
CA TRP B 208 16.30 -26.07 2.99
C TRP B 208 16.55 -26.16 4.50
N SER B 209 17.08 -27.28 4.98
CA SER B 209 17.42 -27.41 6.40
C SER B 209 18.50 -26.41 6.81
N ASP B 210 19.37 -26.05 5.87
CA ASP B 210 20.42 -25.04 6.11
C ASP B 210 19.84 -23.64 6.23
N TYR B 211 18.72 -23.38 5.57
CA TYR B 211 18.04 -22.08 5.58
C TYR B 211 17.59 -21.70 6.97
N THR B 212 17.20 -22.75 7.70
CA THR B 212 16.75 -22.64 9.08
C THR B 212 17.56 -21.68 9.92
N LEU B 213 18.88 -21.69 9.77
CA LEU B 213 19.76 -20.79 10.51
C LEU B 213 19.34 -19.32 10.35
N LEU B 214 19.05 -18.90 9.13
CA LEU B 214 18.72 -17.51 8.86
C LEU B 214 17.44 -17.09 9.56
N ALA B 215 16.50 -18.03 9.65
CA ALA B 215 15.22 -17.78 10.29
C ALA B 215 15.37 -17.66 11.80
N GLU B 216 16.11 -18.61 12.39
CA GLU B 216 16.48 -18.54 13.80
C GLU B 216 17.20 -17.24 14.14
N THR B 217 18.02 -16.76 13.21
CA THR B 217 18.76 -15.50 13.38
C THR B 217 17.82 -14.30 13.48
N PHE B 218 16.93 -14.17 12.51
CA PHE B 218 15.97 -13.07 12.51
C PHE B 218 15.08 -13.16 13.77
N LYS B 219 14.89 -14.39 14.25
CA LYS B 219 14.11 -14.66 15.46
C LYS B 219 14.81 -14.16 16.70
N GLU B 220 16.04 -14.61 16.92
CA GLU B 220 16.87 -14.12 18.02
C GLU B 220 17.07 -12.60 17.95
N MET B 221 17.02 -12.05 16.74
CA MET B 221 17.14 -10.60 16.56
C MET B 221 15.95 -9.91 17.21
N GLN B 222 14.73 -10.27 16.81
CA GLN B 222 13.53 -9.64 17.39
C GLN B 222 13.41 -9.91 18.88
N GLU B 223 13.78 -11.13 19.28
CA GLU B 223 13.81 -11.58 20.69
C GLU B 223 14.57 -10.60 21.57
N LYS B 224 15.79 -10.27 21.14
CA LYS B 224 16.70 -9.43 21.91
C LYS B 224 16.53 -7.93 21.60
N GLN B 225 15.52 -7.59 20.80
CA GLN B 225 15.24 -6.20 20.43
C GLN B 225 16.39 -5.53 19.71
N LEU B 226 17.16 -6.30 18.93
CA LEU B 226 18.27 -5.80 18.12
C LEU B 226 17.76 -5.19 16.82
N ILE B 227 16.47 -5.34 16.57
CA ILE B 227 15.78 -4.72 15.47
C ILE B 227 14.67 -3.88 16.07
N ASN B 228 14.25 -2.84 15.37
CA ASN B 228 13.06 -2.07 15.75
C ASN B 228 11.83 -2.94 16.16
N LYS B 229 11.16 -2.59 17.26
CA LYS B 229 9.88 -3.23 17.63
C LYS B 229 8.81 -2.84 16.60
N ASP B 230 9.01 -1.65 16.04
CA ASP B 230 8.18 -1.08 14.99
C ASP B 230 8.16 -1.88 13.65
N ILE B 231 8.86 -3.01 13.58
CA ILE B 231 9.19 -3.65 12.29
C ILE B 231 7.97 -3.98 11.41
N LEU B 232 7.07 -4.85 11.87
CA LEU B 232 5.98 -5.35 11.01
C LEU B 232 5.07 -4.25 10.47
N THR B 233 4.97 -3.13 11.19
CA THR B 233 4.25 -1.95 10.73
C THR B 233 5.16 -0.92 10.07
N ALA B 234 6.45 -0.92 10.42
CA ALA B 234 7.41 0.04 9.88
C ALA B 234 7.45 0.03 8.35
N LYS B 235 7.62 1.20 7.75
CA LYS B 235 7.59 1.38 6.30
C LYS B 235 8.85 2.07 5.83
N PRO B 236 9.22 1.89 4.55
CA PRO B 236 10.42 2.52 4.00
C PRO B 236 10.50 4.03 4.19
N SER B 237 9.35 4.69 4.12
CA SER B 237 9.25 6.16 4.20
C SER B 237 9.90 6.76 5.45
N GLN B 238 9.92 5.99 6.54
CA GLN B 238 10.37 6.47 7.84
C GLN B 238 11.89 6.47 8.01
N LEU B 239 12.59 5.57 7.31
CA LEU B 239 14.01 5.32 7.58
C LEU B 239 14.90 6.57 7.57
N VAL B 240 14.63 7.48 6.64
CA VAL B 240 15.49 8.64 6.39
C VAL B 240 15.75 9.45 7.67
N GLU B 241 14.70 9.63 8.48
CA GLU B 241 14.78 10.46 9.69
C GLU B 241 15.51 9.78 10.84
N LEU B 242 15.18 8.51 11.08
CA LEU B 242 15.79 7.77 12.20
C LEU B 242 17.30 7.60 12.07
N MET B 243 17.76 7.27 10.85
CA MET B 243 19.20 7.27 10.55
C MET B 243 19.75 8.67 10.72
N ALA B 244 19.06 9.64 10.10
CA ALA B 244 19.47 11.05 10.12
C ALA B 244 19.56 11.67 11.52
N GLN B 245 18.75 11.18 12.45
CA GLN B 245 18.83 11.65 13.84
C GLN B 245 19.59 10.65 14.70
N GLU B 246 20.39 9.81 14.04
CA GLU B 246 21.31 8.88 14.67
C GLU B 246 20.66 7.85 15.60
N LYS B 247 19.51 7.30 15.18
CA LYS B 247 18.81 6.33 16.02
C LYS B 247 18.85 4.94 15.43
N ILE B 248 19.71 4.75 14.42
CA ILE B 248 19.86 3.45 13.74
C ILE B 248 21.32 3.17 13.43
N GLY B 249 21.78 2.00 13.85
CA GLY B 249 23.15 1.57 13.60
C GLY B 249 23.36 1.02 12.20
N PHE B 250 22.52 0.06 11.79
CA PHE B 250 22.66 -0.64 10.51
C PHE B 250 21.38 -0.68 9.68
N THR B 251 21.56 -0.72 8.37
CA THR B 251 20.47 -0.96 7.43
C THR B 251 21.03 -1.63 6.17
N LEU B 252 20.23 -2.47 5.54
CA LEU B 252 20.60 -3.05 4.26
C LEU B 252 20.78 -1.92 3.24
N SER B 253 21.81 -2.08 2.43
CA SER B 253 22.31 -1.01 1.60
C SER B 253 21.39 -0.68 0.45
N VAL B 254 20.64 -1.67 -0.02
CA VAL B 254 19.68 -1.42 -1.09
C VAL B 254 18.71 -0.25 -0.76
N THR B 255 18.43 -0.02 0.52
CA THR B 255 17.57 1.12 0.91
C THR B 255 18.03 2.47 0.33
N SER B 256 19.32 2.62 0.04
CA SER B 256 19.84 3.78 -0.69
C SER B 256 19.43 5.13 -0.10
N ILE B 257 19.47 5.24 1.22
CA ILE B 257 19.01 6.46 1.94
C ILE B 257 20.13 7.48 2.19
N GLY B 258 21.31 7.23 1.65
CA GLY B 258 22.48 8.09 1.84
C GLY B 258 22.27 9.54 1.43
N PRO B 259 22.00 9.78 0.13
CA PRO B 259 21.86 11.13 -0.38
C PRO B 259 20.82 11.93 0.41
N ASP B 260 19.71 11.29 0.73
CA ASP B 260 18.64 11.96 1.48
C ASP B 260 19.00 12.19 2.93
N THR B 261 19.56 11.17 3.58
CA THR B 261 20.01 11.30 4.98
C THR B 261 21.09 12.39 5.13
N ARG B 262 21.93 12.54 4.11
CA ARG B 262 22.97 13.59 4.07
C ARG B 262 22.35 14.99 3.94
N GLU B 263 21.24 15.08 3.19
CA GLU B 263 20.51 16.33 2.99
C GLU B 263 19.84 16.79 4.29
N VAL B 264 19.18 15.85 4.98
CA VAL B 264 18.58 16.11 6.29
C VAL B 264 19.66 16.36 7.34
N ASN B 265 20.73 15.59 7.30
CA ASN B 265 21.85 15.76 8.21
C ASN B 265 23.16 15.45 7.50
N PRO B 266 23.88 16.50 7.07
CA PRO B 266 25.21 16.30 6.47
C PRO B 266 26.33 16.03 7.50
N ASP B 267 26.02 16.05 8.79
CA ASP B 267 26.99 15.70 9.83
C ASP B 267 27.28 14.20 9.89
N ILE B 268 26.29 13.38 9.53
CA ILE B 268 26.41 11.94 9.68
C ILE B 268 27.43 11.39 8.70
N GLN B 269 28.25 10.46 9.20
CA GLN B 269 29.07 9.63 8.32
C GLN B 269 28.43 8.27 8.17
N LEU B 270 28.16 7.93 6.92
CA LEU B 270 27.63 6.63 6.58
C LEU B 270 28.73 5.83 5.91
N GLY B 271 28.86 4.58 6.35
CA GLY B 271 29.77 3.65 5.73
C GLY B 271 28.97 2.49 5.19
N VAL B 272 29.51 1.85 4.17
CA VAL B 272 28.93 0.67 3.61
C VAL B 272 29.96 -0.45 3.71
N MET B 273 29.48 -1.66 3.91
CA MET B 273 30.32 -2.84 4.00
C MET B 273 29.67 -3.96 3.15
N PRO B 274 30.44 -4.98 2.77
CA PRO B 274 29.78 -6.06 2.02
C PRO B 274 28.95 -7.00 2.92
N THR B 275 28.19 -7.87 2.29
CA THR B 275 27.39 -8.82 3.04
C THR B 275 28.35 -9.76 3.77
N PRO B 276 28.20 -9.87 5.09
CA PRO B 276 29.18 -10.64 5.86
C PRO B 276 29.16 -12.13 5.59
N ALA B 277 30.27 -12.79 5.91
CA ALA B 277 30.35 -14.24 5.77
C ALA B 277 29.56 -14.90 6.92
N VAL B 278 29.16 -16.15 6.72
CA VAL B 278 28.42 -16.86 7.77
C VAL B 278 29.37 -17.76 8.54
N TYR B 279 30.20 -18.52 7.82
CA TYR B 279 31.17 -19.40 8.44
C TYR B 279 32.53 -18.73 8.52
N GLU B 280 33.28 -19.11 9.55
CA GLU B 280 34.65 -18.64 9.75
C GLU B 280 35.55 -19.11 8.62
N GLY B 281 36.46 -18.24 8.20
CA GLY B 281 37.38 -18.56 7.11
C GLY B 281 36.86 -18.13 5.75
N ASP B 282 35.55 -18.13 5.58
CA ASP B 282 34.89 -17.58 4.38
C ASP B 282 34.92 -16.05 4.45
N LYS B 283 34.92 -15.41 3.28
CA LYS B 283 34.99 -13.96 3.17
C LYS B 283 33.63 -13.42 2.83
N PRO B 284 33.39 -12.12 3.13
CA PRO B 284 32.20 -11.41 2.66
C PRO B 284 32.15 -11.34 1.16
N SER B 285 31.02 -10.88 0.66
CA SER B 285 30.73 -10.80 -0.76
C SER B 285 29.92 -9.56 -0.98
N TRP B 286 30.17 -8.84 -2.08
CA TRP B 286 29.22 -7.84 -2.57
C TRP B 286 28.15 -8.57 -3.38
N ILE B 287 26.89 -8.15 -3.31
CA ILE B 287 25.86 -8.75 -4.18
C ILE B 287 25.59 -7.85 -5.38
N GLY B 288 25.90 -8.32 -6.59
CA GLY B 288 25.77 -7.49 -7.78
C GLY B 288 24.69 -7.90 -8.76
N GLY B 289 24.74 -7.30 -9.93
CA GLY B 289 23.81 -7.60 -11.01
C GLY B 289 22.96 -6.38 -11.33
N GLU B 290 21.84 -6.62 -11.98
CA GLU B 290 20.91 -5.54 -12.33
C GLU B 290 20.32 -4.91 -11.08
N ARG B 291 19.94 -3.64 -11.21
CA ARG B 291 19.04 -3.03 -10.20
C ARG B 291 17.85 -2.43 -10.94
N HIS B 292 18.05 -1.27 -11.57
CA HIS B 292 17.02 -0.63 -12.35
C HIS B 292 17.43 -0.70 -13.78
N THR B 293 16.56 -1.25 -14.63
CA THR B 293 16.81 -1.29 -16.07
C THR B 293 15.60 -0.80 -16.84
N VAL B 294 15.77 -0.62 -18.14
CA VAL B 294 14.65 -0.46 -19.04
C VAL B 294 14.90 -1.28 -20.31
N ALA B 295 13.94 -2.16 -20.63
CA ALA B 295 13.97 -2.94 -21.85
C ALA B 295 12.86 -2.47 -22.78
N VAL B 296 12.96 -2.83 -24.05
CA VAL B 296 11.92 -2.52 -25.01
C VAL B 296 11.16 -3.79 -25.37
N TRP B 297 9.84 -3.67 -25.42
CA TRP B 297 8.99 -4.77 -25.82
C TRP B 297 9.25 -5.08 -27.28
N LYS B 298 9.76 -6.28 -27.50
CA LYS B 298 9.96 -6.83 -28.81
C LYS B 298 8.79 -6.60 -29.78
N ASP B 299 7.56 -6.59 -29.27
CA ASP B 299 6.39 -6.51 -30.14
C ASP B 299 5.66 -5.19 -30.02
N SER B 300 6.35 -4.19 -29.47
CA SER B 300 5.82 -2.83 -29.42
C SER B 300 5.48 -2.37 -30.84
N GLU B 301 4.40 -1.58 -30.95
CA GLU B 301 4.04 -0.92 -32.20
C GLU B 301 4.80 0.40 -32.33
N HIS B 302 5.62 0.73 -31.32
CA HIS B 302 6.37 1.96 -31.29
C HIS B 302 7.79 1.65 -30.85
N LEU B 303 8.40 0.73 -31.57
CA LEU B 303 9.71 0.19 -31.22
C LEU B 303 10.81 1.26 -31.30
N GLU B 304 10.81 2.03 -32.37
CA GLU B 304 11.84 3.08 -32.57
C GLU B 304 11.75 4.19 -31.57
N GLU B 305 10.53 4.62 -31.29
CA GLU B 305 10.29 5.67 -30.30
C GLU B 305 10.73 5.23 -28.90
N ALA B 306 10.51 3.97 -28.58
CA ALA B 306 10.85 3.43 -27.27
C ALA B 306 12.38 3.39 -27.11
N LYS B 307 13.07 3.04 -28.21
CA LYS B 307 14.53 3.07 -28.26
C LYS B 307 15.08 4.49 -28.18
N ARG B 308 14.40 5.44 -28.83
CA ARG B 308 14.84 6.82 -28.80
C ARG B 308 14.76 7.34 -27.38
N PHE B 309 13.76 6.92 -26.61
CA PHE B 309 13.77 7.31 -25.20
C PHE B 309 15.01 6.78 -24.44
N ILE B 310 15.44 5.57 -24.76
CA ILE B 310 16.63 5.00 -24.09
C ILE B 310 17.88 5.76 -24.50
N GLU B 311 18.01 6.03 -25.79
CA GLU B 311 19.08 6.85 -26.31
C GLU B 311 19.11 8.21 -25.63
N PHE B 312 17.94 8.82 -25.44
CA PHE B 312 17.85 10.10 -24.76
C PHE B 312 18.28 10.01 -23.30
N ALA B 313 17.83 8.97 -22.60
CA ALA B 313 18.15 8.83 -21.18
C ALA B 313 19.63 8.51 -20.95
N ALA B 314 20.26 7.93 -21.97
CA ALA B 314 21.62 7.43 -21.83
C ALA B 314 22.66 8.54 -22.02
N GLN B 315 22.20 9.75 -22.27
CA GLN B 315 23.12 10.87 -22.38
C GLN B 315 23.75 11.15 -21.02
N PRO B 316 25.03 11.57 -21.04
CA PRO B 316 25.79 11.87 -19.85
C PRO B 316 25.02 12.64 -18.79
N LYS B 317 24.44 13.78 -19.17
CA LYS B 317 23.70 14.61 -18.22
C LYS B 317 22.61 13.83 -17.48
N TYR B 318 21.90 12.98 -18.22
CA TYR B 318 20.81 12.21 -17.64
C TYR B 318 21.32 11.06 -16.81
N VAL B 319 22.41 10.43 -17.29
CA VAL B 319 23.13 9.40 -16.55
C VAL B 319 23.55 9.96 -15.20
N LYS B 320 24.21 11.12 -15.21
CA LYS B 320 24.51 11.89 -13.99
C LYS B 320 23.34 12.04 -13.03
N LYS B 321 22.25 12.65 -13.50
CA LYS B 321 21.05 12.86 -12.67
C LYS B 321 20.59 11.57 -12.02
N ILE B 322 20.49 10.53 -12.83
CA ILE B 322 20.08 9.23 -12.32
C ILE B 322 21.11 8.71 -11.32
N ALA B 323 22.39 8.85 -11.64
CA ALA B 323 23.42 8.37 -10.74
C ALA B 323 23.27 9.08 -9.42
N GLU B 324 23.04 10.39 -9.50
CA GLU B 324 22.93 11.25 -8.32
C GLU B 324 21.71 10.97 -7.43
N ALA B 325 20.70 10.31 -7.98
CA ALA B 325 19.48 10.03 -7.23
C ALA B 325 19.62 8.87 -6.22
N THR B 326 20.59 7.97 -6.42
CA THR B 326 20.78 6.83 -5.50
C THR B 326 22.24 6.75 -5.11
N SER B 327 22.53 5.86 -4.16
CA SER B 327 23.89 5.48 -3.85
C SER B 327 24.37 4.21 -4.62
N PHE B 328 23.63 3.78 -5.64
CA PHE B 328 23.99 2.61 -6.41
C PHE B 328 25.08 2.92 -7.44
N PRO B 329 26.06 2.01 -7.59
CA PRO B 329 27.08 2.28 -8.58
C PRO B 329 26.54 2.36 -9.98
N GLN B 330 27.32 2.99 -10.84
CA GLN B 330 26.95 3.22 -12.22
C GLN B 330 27.25 1.96 -13.04
N ALA B 331 26.73 1.93 -14.26
CA ALA B 331 26.75 0.74 -15.11
C ALA B 331 27.49 0.95 -16.40
N LEU B 332 27.92 2.17 -16.68
CA LEU B 332 28.62 2.52 -17.93
C LEU B 332 29.99 3.04 -17.61
N THR B 333 30.95 2.82 -18.50
CA THR B 333 32.36 3.11 -18.25
C THR B 333 32.75 4.53 -18.64
N ASN B 334 31.79 5.32 -19.13
CA ASN B 334 32.06 6.72 -19.51
C ASN B 334 31.39 7.69 -18.54
N THR B 335 31.32 7.29 -17.27
CA THR B 335 30.65 8.08 -16.22
C THR B 335 31.16 9.51 -16.14
N GLU B 336 30.24 10.49 -16.06
CA GLU B 336 30.65 11.84 -15.71
C GLU B 336 30.95 12.00 -14.23
N ALA B 337 30.42 11.12 -13.36
CA ALA B 337 30.61 11.26 -11.91
C ALA B 337 31.04 9.97 -11.23
N GLU B 338 31.67 10.11 -10.05
CA GLU B 338 32.11 8.97 -9.23
C GLU B 338 30.98 8.23 -8.48
N ASN B 339 31.19 6.95 -8.19
CA ASN B 339 30.27 6.17 -7.37
C ASN B 339 30.24 6.70 -5.96
N TYR B 340 29.06 6.70 -5.37
CA TYR B 340 28.81 7.37 -4.11
C TYR B 340 29.71 6.79 -3.01
N TYR B 341 29.91 5.48 -3.02
CA TYR B 341 30.67 4.80 -1.97
C TYR B 341 32.05 4.30 -2.45
N SER B 342 32.62 4.98 -3.43
CA SER B 342 33.93 4.60 -3.96
C SER B 342 35.00 4.37 -2.89
N LYS B 343 35.10 5.25 -1.90
CA LYS B 343 36.17 5.16 -0.90
C LYS B 343 36.06 3.87 -0.10
N PHE B 344 34.83 3.41 0.12
CA PHE B 344 34.61 2.14 0.80
C PHE B 344 34.87 1.00 -0.18
N TYR B 345 34.42 1.13 -1.42
CA TYR B 345 34.75 0.12 -2.44
C TYR B 345 36.27 -0.10 -2.54
N ASP B 346 37.05 0.98 -2.45
CA ASP B 346 38.52 0.91 -2.43
C ASP B 346 39.05 0.09 -1.26
N GLN B 347 38.41 0.21 -0.11
CA GLN B 347 38.81 -0.54 1.08
C GLN B 347 38.47 -2.03 0.97
N TYR B 348 37.64 -2.40 0.00
CA TYR B 348 37.20 -3.79 -0.14
C TYR B 348 37.46 -4.36 -1.56
N GLU B 349 38.55 -3.98 -2.19
CA GLU B 349 38.83 -4.43 -3.57
C GLU B 349 39.03 -5.93 -3.71
N GLU B 350 39.59 -6.59 -2.70
CA GLU B 350 39.67 -8.07 -2.69
C GLU B 350 38.32 -8.79 -2.51
N ILE B 351 37.24 -8.07 -2.14
CA ILE B 351 35.94 -8.71 -1.94
C ILE B 351 35.26 -8.93 -3.27
N LYS B 352 34.79 -10.15 -3.47
CA LYS B 352 34.20 -10.54 -4.74
C LYS B 352 32.74 -10.18 -4.85
N ILE B 353 32.25 -10.21 -6.08
CA ILE B 353 30.88 -9.87 -6.42
C ILE B 353 30.18 -11.19 -6.70
N GLU B 354 29.05 -11.42 -6.05
CA GLU B 354 28.23 -12.61 -6.30
C GLU B 354 26.89 -12.11 -6.77
N PRO B 355 26.25 -12.85 -7.69
CA PRO B 355 24.90 -12.48 -8.06
C PRO B 355 23.93 -12.75 -6.91
N TYR B 356 22.74 -12.15 -6.98
CA TYR B 356 21.68 -12.47 -6.05
C TYR B 356 21.29 -13.95 -6.12
N PHE B 357 21.22 -14.57 -4.94
CA PHE B 357 20.90 -15.97 -4.81
C PHE B 357 19.59 -16.32 -5.52
N ASP B 358 18.54 -15.51 -5.31
CA ASP B 358 17.22 -15.84 -5.86
C ASP B 358 17.11 -15.57 -7.36
N ARG B 359 17.99 -14.75 -7.91
CA ARG B 359 17.98 -14.50 -9.33
C ARG B 359 18.56 -15.63 -10.19
N VAL B 360 19.49 -16.42 -9.64
CA VAL B 360 20.22 -17.41 -10.44
C VAL B 360 20.22 -18.81 -9.83
N TYR B 361 19.86 -18.95 -8.54
CA TYR B 361 19.77 -20.27 -7.94
C TYR B 361 18.33 -20.79 -7.68
N LEU B 362 17.32 -19.92 -7.77
CA LEU B 362 15.93 -20.34 -7.49
C LEU B 362 14.97 -20.03 -8.64
N PRO B 363 13.84 -20.76 -8.71
CA PRO B 363 12.86 -20.42 -9.74
C PRO B 363 12.18 -19.11 -9.44
N SER B 364 11.69 -18.42 -10.48
CA SER B 364 10.94 -17.18 -10.32
C SER B 364 9.78 -17.43 -9.38
N GLY B 365 9.51 -16.47 -8.51
CA GLY B 365 8.42 -16.55 -7.54
C GLY B 365 8.89 -16.68 -6.11
N MET B 366 10.10 -17.22 -5.92
CA MET B 366 10.59 -17.51 -4.56
C MET B 366 10.81 -16.26 -3.75
N TRP B 367 11.07 -15.15 -4.43
CA TRP B 367 11.27 -13.88 -3.75
C TRP B 367 10.05 -13.55 -2.88
N ASP B 368 8.88 -13.57 -3.47
CA ASP B 368 7.65 -13.30 -2.74
C ASP B 368 7.47 -14.17 -1.50
N VAL B 369 7.85 -15.43 -1.60
CA VAL B 369 7.75 -16.36 -0.48
C VAL B 369 8.75 -15.96 0.61
N MET B 370 9.99 -15.66 0.22
CA MET B 370 11.06 -15.29 1.17
C MET B 370 10.58 -14.27 2.18
N GLY B 371 9.96 -13.21 1.65
CA GLY B 371 9.42 -12.11 2.44
C GLY B 371 8.11 -12.40 3.18
N THR B 372 7.18 -13.10 2.54
CA THR B 372 5.91 -13.47 3.18
C THR B 372 6.21 -14.25 4.46
N THR B 373 6.98 -15.34 4.32
CA THR B 373 7.46 -16.10 5.48
C THR B 373 8.26 -15.22 6.44
N GLY B 374 8.94 -14.21 5.91
CA GLY B 374 9.62 -13.22 6.72
C GLY B 374 8.73 -12.49 7.69
N GLN B 375 7.63 -11.93 7.20
CA GLN B 375 6.64 -11.26 8.06
C GLN B 375 6.05 -12.24 9.07
N GLU B 376 5.70 -13.41 8.58
CA GLU B 376 5.02 -14.42 9.37
C GLU B 376 5.89 -15.05 10.47
N LEU B 377 7.18 -15.15 10.20
CA LEU B 377 8.14 -15.56 11.24
C LEU B 377 8.13 -14.50 12.33
N LEU B 378 8.15 -13.25 11.91
CA LEU B 378 8.07 -12.15 12.85
C LEU B 378 6.74 -12.16 13.59
N ALA B 379 5.64 -12.42 12.88
CA ALA B 379 4.30 -12.42 13.52
C ALA B 379 3.96 -13.70 14.30
N GLY B 380 4.88 -14.67 14.33
CA GLY B 380 4.67 -15.88 15.11
C GLY B 380 3.85 -16.98 14.42
N THR B 381 3.45 -16.75 13.17
CA THR B 381 2.73 -17.75 12.39
C THR B 381 3.60 -18.98 12.07
N LEU B 382 4.92 -18.78 11.99
CA LEU B 382 5.82 -19.91 11.75
C LEU B 382 6.98 -19.97 12.74
N THR B 383 7.35 -21.20 13.09
CA THR B 383 8.66 -21.47 13.65
C THR B 383 9.68 -21.17 12.55
N PRO B 384 10.93 -20.92 12.93
CA PRO B 384 11.99 -20.96 11.93
C PRO B 384 11.98 -22.29 11.14
N LYS B 385 12.00 -23.42 11.86
CA LYS B 385 11.91 -24.76 11.25
C LYS B 385 10.85 -24.88 10.17
N GLN B 386 9.75 -24.14 10.34
CA GLN B 386 8.65 -24.15 9.37
C GLN B 386 8.88 -23.24 8.19
N VAL B 387 9.52 -22.09 8.40
CA VAL B 387 9.86 -21.21 7.27
C VAL B 387 10.57 -22.05 6.20
N SER B 388 11.63 -22.75 6.62
CA SER B 388 12.31 -23.70 5.76
C SER B 388 11.30 -24.57 5.03
N GLU B 389 10.40 -25.19 5.78
CA GLU B 389 9.36 -26.03 5.21
C GLU B 389 8.49 -25.30 4.16
N LYS B 390 8.04 -24.08 4.47
CA LYS B 390 7.26 -23.28 3.51
C LYS B 390 8.06 -22.86 2.27
N MET B 391 9.37 -22.63 2.43
CA MET B 391 10.23 -22.31 1.28
C MET B 391 10.39 -23.56 0.41
N LYS B 392 10.74 -24.68 1.04
CA LYS B 392 10.86 -25.97 0.37
C LYS B 392 9.59 -26.32 -0.39
N GLN B 393 8.47 -26.12 0.28
CA GLN B 393 7.16 -26.40 -0.30
C GLN B 393 7.06 -25.71 -1.65
N GLU B 394 7.27 -24.40 -1.65
CA GLU B 394 7.12 -23.63 -2.86
C GLU B 394 8.20 -23.93 -3.89
N TYR B 395 9.41 -24.23 -3.42
CA TYR B 395 10.55 -24.52 -4.28
C TYR B 395 10.27 -25.71 -5.21
N SER B 396 10.06 -26.89 -4.63
CA SER B 396 9.81 -28.09 -5.41
C SER B 396 8.51 -27.97 -6.21
N ARG B 397 7.57 -27.18 -5.69
CA ARG B 397 6.34 -26.85 -6.42
C ARG B 397 6.64 -26.14 -7.72
N LEU B 398 7.56 -25.19 -7.67
CA LEU B 398 7.94 -24.45 -8.86
C LEU B 398 8.81 -25.26 -9.84
N GLN B 399 8.80 -26.59 -9.74
CA GLN B 399 9.59 -27.46 -10.63
C GLN B 399 8.87 -28.78 -10.90
C1 GLC C . -14.21 0.99 2.73
C2 GLC C . -13.23 1.93 3.41
C3 GLC C . -12.52 1.19 4.54
C4 GLC C . -13.57 0.61 5.46
C5 GLC C . -14.50 -0.31 4.66
C6 GLC C . -15.60 -0.84 5.54
O2 GLC C . -12.32 2.37 2.45
O3 GLC C . -11.75 2.08 5.33
O4 GLC C . -12.91 -0.04 6.53
O5 GLC C . -15.13 0.47 3.65
O6 GLC C . -16.34 -1.81 4.86
C1 GLA C . -16.77 -2.84 5.78
C2 GLA C . -17.50 -3.91 4.98
C3 GLA C . -18.74 -3.24 4.35
C4 GLA C . -19.60 -2.67 5.47
C5 GLA C . -18.78 -1.65 6.26
C6 GLA C . -19.58 -1.00 7.37
O2 GLA C . -16.65 -4.42 3.96
O3 GLA C . -19.50 -4.15 3.55
O4 GLA C . -20.01 -3.74 6.32
O5 GLA C . -17.59 -2.28 6.80
O6 GLA C . -20.65 -0.33 6.70
C1 GLA C . -21.20 0.78 7.36
C2 GLA C . -22.62 0.43 7.80
C3 GLA C . -23.52 0.24 6.59
C4 GLA C . -23.46 1.45 5.66
C5 GLA C . -21.99 1.78 5.30
C6 GLA C . -21.85 3.06 4.51
O2 GLA C . -22.64 -0.76 8.59
O3 GLA C . -24.83 -0.02 7.11
O4 GLA C . -24.06 2.59 6.25
O5 GLA C . -21.21 1.93 6.50
O6 GLA C . -20.47 3.19 4.11
C1 FRU C . -13.52 -0.54 -0.54
C2 FRU C . -14.36 -0.59 0.72
C3 FRU C . -14.72 -2.03 1.06
C4 FRU C . -16.10 -1.88 1.64
C5 FRU C . -16.69 -0.75 0.83
C6 FRU C . -17.81 -0.04 1.56
O1 FRU C . -13.26 0.84 -0.75
O2 FRU C . -13.68 -0.01 1.84
O3 FRU C . -13.81 -2.61 2.00
O4 FRU C . -16.86 -3.09 1.61
O5 FRU C . -15.59 0.13 0.53
O6 FRU C . -18.37 0.99 0.74
C1 GLC D . 14.55 -0.93 -2.58
C2 GLC D . 15.46 0.15 -3.16
C3 GLC D . 14.73 0.87 -4.25
C4 GLC D . 14.19 -0.12 -5.27
C5 GLC D . 13.35 -1.20 -4.60
C6 GLC D . 12.88 -2.30 -5.56
O2 GLC D . 15.79 1.10 -2.16
O3 GLC D . 15.60 1.76 -4.93
O4 GLC D . 13.49 0.61 -6.27
O5 GLC D . 14.08 -1.83 -3.57
O6 GLC D . 11.86 -3.06 -4.94
C1 GLA D . 10.94 -3.72 -5.88
C2 GLA D . 9.91 -4.53 -5.06
C3 GLA D . 10.58 -5.70 -4.41
C4 GLA D . 11.28 -6.49 -5.47
C5 GLA D . 12.31 -5.65 -6.23
C6 GLA D . 12.93 -6.68 -7.16
O2 GLA D . 9.34 -3.74 -3.99
O3 GLA D . 9.56 -6.43 -3.73
O4 GLA D . 10.33 -6.95 -6.45
O5 GLA D . 11.60 -4.54 -6.85
O6 GLA D . 14.15 -6.48 -7.80
C1 GLA D . 15.03 -7.65 -7.75
C2 GLA D . 14.52 -9.10 -8.03
C3 GLA D . 14.33 -9.96 -6.81
C4 GLA D . 15.54 -9.91 -5.89
C5 GLA D . 15.75 -8.45 -5.50
C6 GLA D . 17.02 -8.21 -4.65
O2 GLA D . 13.33 -9.19 -8.80
O3 GLA D . 14.11 -11.29 -7.27
O4 GLA D . 16.70 -10.58 -6.40
O5 GLA D . 15.83 -7.55 -6.59
O6 GLA D . 17.17 -6.80 -4.44
C1 FRU D . 12.89 -0.18 0.46
C2 FRU D . 12.89 -1.08 -0.77
C3 FRU D . 11.50 -1.60 -1.16
C4 FRU D . 11.76 -3.03 -1.63
C5 FRU D . 12.99 -3.43 -0.83
C6 FRU D . 13.93 -4.36 -1.56
O1 FRU D . 13.72 -0.77 1.44
O2 FRU D . 13.45 -0.34 -1.86
O3 FRU D . 10.91 -0.78 -2.17
O4 FRU D . 10.65 -3.92 -1.43
O5 FRU D . 13.71 -2.22 -0.52
O6 FRU D . 14.83 -4.94 -0.60
#